data_3W68
#
_entry.id   3W68
#
_cell.length_a   57.977
_cell.length_b   69.620
_cell.length_c   87.097
_cell.angle_alpha   100.88
_cell.angle_beta   109.45
_cell.angle_gamma   100.01
#
_symmetry.space_group_name_H-M   'P 1'
#
loop_
_entity.id
_entity.type
_entity.pdbx_description
1 polymer 'Alpha-tocopherol transfer protein'
2 non-polymer (2R)-2,5,7,8-TETRAMETHYL-2-[(4R,8R)-4,8,12-TRIMETHYLTRIDECYL]CHROMAN-6-OL
3 non-polymer '(2R)-3-{[(S)-{[(2S,3R,5S,6S)-2,6-DIHYDROXY-3,4,5-TRIS(PHOSPHONOOXY)CYCLOHEXYL]OXY}(HYDROXY)PHOSPHORYL]OXY}-2-(1-HYDROXY BUTOXY)PROPYL BUTYRATE'
4 non-polymer '(2R)-3-{[(R)-HYDROXY{[(1R,2R,3S,4R,5R,6S)-2,3,6-TRIHYDROXY-4,5-BIS(PHOSPHONOOXY)CYCLOHEXYL]OXY}PHOSPHORYL]OXY}PROPANE-1 ,2-DIYL DIBUTANOATE'
5 non-polymer 'PHOSPHATE ION'
6 water water
#
_entity_poly.entity_id   1
_entity_poly.type   'polypeptide(L)'
_entity_poly.pdbx_seq_one_letter_code
;GPLGSPEFSPLLQPGLAELRRRVQEAGVPQTPQPLTDAFLLRFLRARDFDLDLAWRLMKNYYKWRAECPELSADLRPRSI
LGLLKAGYHGVLRSRDSTGSRVLIYRIAYWDPKVFTAYDVFRVSLITSELIVQEVETQRNGVKAIFDLEGWQVSHAFQIT
PSVAKKIAAVLTDSFPLKVRGIHLINEPVIFHAVFSMIKPFLTEKIKDRIHLHGNNYKSSMLQHFPDILPREYGGKEFSM
EDICQEWTNFIMKSEDYLSSISETIQ
;
_entity_poly.pdbx_strand_id   A,B,C,D
#
loop_
_chem_comp.id
_chem_comp.type
_chem_comp.name
_chem_comp.formula
4PT non-polymer '(2R)-3-{[(S)-{[(2S,3R,5S,6S)-2,6-DIHYDROXY-3,4,5-TRIS(PHOSPHONOOXY)CYCLOHEXYL]OXY}(HYDROXY)PHOSPHORYL]OXY}-2-(1-HYDROXY BUTOXY)PROPYL BUTYRATE' 'C17 H36 O22 P4'
PBU non-polymer '(2R)-3-{[(R)-HYDROXY{[(1R,2R,3S,4R,5R,6S)-2,3,6-TRIHYDROXY-4,5-BIS(PHOSPHONOOXY)CYCLOHEXYL]OXY}PHOSPHORYL]OXY}PROPANE-1 ,2-DIYL DIBUTANOATE' 'C17 H33 O19 P3'
PO4 non-polymer 'PHOSPHATE ION' 'O4 P -3'
VIV non-polymer (2R)-2,5,7,8-TETRAMETHYL-2-[(4R,8R)-4,8,12-TRIMETHYLTRIDECYL]CHROMAN-6-OL 'C29 H50 O2'
#
# COMPACT_ATOMS: atom_id res chain seq x y z
N GLN A 13 40.45 31.51 7.98
CA GLN A 13 39.62 30.84 6.95
C GLN A 13 38.56 31.78 6.37
N PRO A 14 38.26 31.63 5.06
CA PRO A 14 37.25 32.47 4.41
C PRO A 14 35.86 32.38 5.07
N GLY A 15 35.44 33.45 5.77
CA GLY A 15 34.08 33.51 6.31
C GLY A 15 33.90 33.31 7.80
N LEU A 16 34.97 32.94 8.49
CA LEU A 16 34.92 32.73 9.93
C LEU A 16 34.62 34.01 10.71
N ALA A 17 35.26 35.11 10.32
CA ALA A 17 35.02 36.43 10.94
C ALA A 17 33.56 36.88 10.79
N GLU A 18 33.06 36.84 9.55
CA GLU A 18 31.67 37.18 9.27
C GLU A 18 30.69 36.28 10.01
N LEU A 19 31.01 34.99 10.10
CA LEU A 19 30.15 34.05 10.79
C LEU A 19 30.08 34.33 12.28
N ARG A 20 31.25 34.56 12.89
CA ARG A 20 31.34 34.93 14.30
C ARG A 20 30.42 36.13 14.58
N ARG A 21 30.52 37.13 13.70
CA ARG A 21 29.67 38.32 13.80
C ARG A 21 28.19 37.99 13.67
N ARG A 22 27.83 37.13 12.71
CA ARG A 22 26.43 36.78 12.48
C ARG A 22 25.86 36.00 13.66
N VAL A 23 26.68 35.10 14.19
CA VAL A 23 26.30 34.28 15.33
C VAL A 23 25.90 35.19 16.51
N GLN A 24 26.74 36.19 16.76
CA GLN A 24 26.50 37.20 17.80
C GLN A 24 25.23 38.01 17.55
N GLU A 25 25.03 38.47 16.31
CA GLU A 25 23.90 39.34 15.96
C GLU A 25 22.52 38.67 16.06
N ALA A 26 22.51 37.35 15.85
CA ALA A 26 21.25 36.60 15.72
C ALA A 26 20.75 35.93 17.01
N GLY A 27 21.55 35.97 18.07
CA GLY A 27 21.18 35.33 19.33
C GLY A 27 21.12 33.79 19.28
N VAL A 28 22.05 33.19 18.52
CA VAL A 28 22.21 31.73 18.47
C VAL A 28 22.53 31.24 19.89
N PRO A 29 21.80 30.20 20.37
CA PRO A 29 22.09 29.63 21.69
C PRO A 29 23.59 29.43 21.92
N GLN A 30 24.06 29.80 23.10
CA GLN A 30 25.46 29.60 23.49
C GLN A 30 25.65 28.28 24.25
N THR A 31 24.53 27.71 24.68
CA THR A 31 24.49 26.41 25.36
C THR A 31 23.57 25.46 24.59
N PRO A 32 23.77 24.13 24.72
CA PRO A 32 24.80 23.39 25.46
C PRO A 32 26.11 23.26 24.68
N GLN A 33 26.07 23.57 23.39
CA GLN A 33 27.24 23.53 22.53
C GLN A 33 27.85 24.94 22.41
N PRO A 34 29.07 25.14 22.95
CA PRO A 34 29.70 26.45 22.91
C PRO A 34 30.09 26.85 21.49
N LEU A 35 30.02 28.15 21.20
CA LEU A 35 30.26 28.63 19.85
C LEU A 35 31.74 28.97 19.60
N THR A 36 32.60 27.98 19.83
CA THR A 36 34.03 28.01 19.49
C THR A 36 34.22 28.17 17.98
N ASP A 37 35.43 28.56 17.58
CA ASP A 37 35.81 28.61 16.16
C ASP A 37 35.73 27.22 15.50
N ALA A 38 36.14 26.19 16.25
CA ALA A 38 36.12 24.83 15.78
C ALA A 38 34.69 24.40 15.40
N PHE A 39 33.73 24.69 16.27
CA PHE A 39 32.31 24.46 15.99
C PHE A 39 31.82 25.23 14.73
N LEU A 40 32.19 26.49 14.62
CA LEU A 40 31.79 27.32 13.47
C LEU A 40 32.41 26.81 12.17
N LEU A 41 33.64 26.32 12.25
CA LEU A 41 34.30 25.78 11.07
C LEU A 41 33.63 24.51 10.49
N ARG A 42 32.85 23.80 11.32
CA ARG A 42 32.09 22.66 10.84
C ARG A 42 31.16 23.10 9.72
N PHE A 43 30.51 24.25 9.95
CA PHE A 43 29.49 24.75 9.02
C PHE A 43 30.12 25.27 7.74
N LEU A 44 31.23 26.00 7.89
CA LEU A 44 31.99 26.47 6.74
C LEU A 44 32.57 25.32 5.92
N ARG A 45 33.23 24.38 6.57
CA ARG A 45 33.81 23.25 5.84
C ARG A 45 32.77 22.41 5.13
N ALA A 46 31.60 22.24 5.75
CA ALA A 46 30.50 21.45 5.15
C ALA A 46 29.99 22.07 3.87
N ARG A 47 30.24 23.38 3.71
CA ARG A 47 29.76 24.09 2.52
C ARG A 47 30.90 24.76 1.72
N ASP A 48 32.09 24.18 1.83
CA ASP A 48 33.30 24.60 1.10
C ASP A 48 33.59 26.10 1.23
N PHE A 49 33.41 26.62 2.44
CA PHE A 49 33.63 28.03 2.78
C PHE A 49 32.77 29.01 1.97
N ASP A 50 31.60 28.55 1.57
CA ASP A 50 30.57 29.44 1.04
C ASP A 50 29.82 29.99 2.24
N LEU A 51 29.97 31.30 2.49
CA LEU A 51 29.42 31.92 3.70
C LEU A 51 27.89 31.84 3.80
N ASP A 52 27.19 32.28 2.76
CA ASP A 52 25.73 32.22 2.73
C ASP A 52 25.22 30.78 2.93
N LEU A 53 25.82 29.84 2.22
CA LEU A 53 25.44 28.41 2.40
C LEU A 53 25.73 27.91 3.83
N ALA A 54 26.90 28.26 4.37
CA ALA A 54 27.23 27.87 5.74
C ALA A 54 26.29 28.49 6.77
N TRP A 55 25.94 29.76 6.56
CA TRP A 55 24.97 30.46 7.40
C TRP A 55 23.57 29.83 7.31
N ARG A 56 23.11 29.56 6.09
CA ARG A 56 21.85 28.83 5.91
C ARG A 56 21.83 27.47 6.65
N LEU A 57 22.90 26.70 6.49
CA LEU A 57 23.04 25.38 7.17
C LEU A 57 22.95 25.52 8.69
N MET A 58 23.68 26.50 9.23
CA MET A 58 23.67 26.76 10.65
C MET A 58 22.28 27.07 11.20
N LYS A 59 21.53 27.92 10.51
CA LYS A 59 20.17 28.23 10.88
C LYS A 59 19.26 27.00 10.78
N ASN A 60 19.36 26.27 9.67
CA ASN A 60 18.65 25.00 9.53
C ASN A 60 18.97 24.02 10.68
N TYR A 61 20.23 23.99 11.09
CA TYR A 61 20.65 23.08 12.16
C TYR A 61 19.96 23.41 13.49
N TYR A 62 19.97 24.69 13.87
CA TYR A 62 19.27 25.15 15.08
C TYR A 62 17.75 25.06 14.96
N LYS A 63 17.19 25.35 13.78
CA LYS A 63 15.78 25.14 13.51
C LYS A 63 15.41 23.66 13.73
N TRP A 64 16.17 22.77 13.09
CA TRP A 64 15.97 21.32 13.27
C TRP A 64 16.08 20.91 14.73
N ARG A 65 17.11 21.41 15.42
CA ARG A 65 17.30 21.11 16.84
C ARG A 65 16.10 21.50 17.71
N ALA A 66 15.49 22.64 17.40
CA ALA A 66 14.33 23.15 18.13
C ALA A 66 13.01 22.44 17.80
N GLU A 67 12.85 22.04 16.54
CA GLU A 67 11.70 21.22 16.11
C GLU A 67 11.70 19.83 16.74
N CYS A 68 12.89 19.28 16.98
CA CYS A 68 13.05 17.90 17.47
C CYS A 68 13.82 17.81 18.80
N PRO A 69 13.26 18.33 19.92
CA PRO A 69 14.02 18.23 21.17
C PRO A 69 14.09 16.79 21.71
N GLU A 70 13.11 15.97 21.29
CA GLU A 70 13.10 14.55 21.62
C GLU A 70 14.33 13.82 21.05
N LEU A 71 14.94 14.39 20.01
CA LEU A 71 16.13 13.85 19.36
C LEU A 71 17.43 14.63 19.63
N SER A 72 17.34 15.96 19.56
CA SER A 72 18.52 16.83 19.63
C SER A 72 19.01 17.15 21.04
N ALA A 73 18.10 17.12 22.02
CA ALA A 73 18.43 17.55 23.39
C ALA A 73 19.41 16.62 24.08
N ASP A 74 19.28 15.32 23.84
CA ASP A 74 19.99 14.31 24.60
C ASP A 74 20.92 13.49 23.72
N LEU A 75 22.23 13.60 23.97
CA LEU A 75 23.24 12.89 23.18
C LEU A 75 23.98 11.92 24.09
N ARG A 76 23.48 11.78 25.32
CA ARG A 76 23.99 10.81 26.28
C ARG A 76 23.77 9.40 25.75
N PRO A 77 24.85 8.61 25.70
CA PRO A 77 24.72 7.31 25.05
C PRO A 77 24.15 6.16 25.92
N ARG A 78 24.03 6.33 27.24
CA ARG A 78 23.57 5.22 28.08
C ARG A 78 22.21 4.64 27.64
N SER A 79 21.25 5.48 27.27
CA SER A 79 19.94 4.97 26.86
C SER A 79 19.99 4.06 25.61
N ILE A 80 21.00 4.22 24.76
CA ILE A 80 21.10 3.39 23.54
C ILE A 80 22.26 2.38 23.56
N LEU A 81 22.91 2.26 24.70
CA LEU A 81 24.00 1.30 24.88
C LEU A 81 23.58 -0.13 24.52
N GLY A 82 22.37 -0.55 24.91
CA GLY A 82 21.84 -1.87 24.51
C GLY A 82 21.84 -2.12 23.00
N LEU A 83 21.52 -1.10 22.21
CA LEU A 83 21.56 -1.18 20.76
C LEU A 83 22.98 -1.38 20.23
N LEU A 84 23.95 -0.68 20.84
CA LEU A 84 25.37 -0.79 20.48
C LEU A 84 25.94 -2.15 20.87
N LYS A 85 25.53 -2.66 22.02
CA LYS A 85 25.97 -3.99 22.42
C LYS A 85 25.35 -5.07 21.56
N ALA A 86 24.16 -4.82 21.02
CA ALA A 86 23.54 -5.83 20.16
C ALA A 86 24.25 -5.97 18.79
N GLY A 87 25.07 -4.97 18.44
CA GLY A 87 25.81 -4.98 17.17
C GLY A 87 25.10 -4.22 16.04
N TYR A 88 24.25 -3.26 16.40
CA TYR A 88 23.56 -2.43 15.40
C TYR A 88 24.53 -1.55 14.54
N HIS A 89 25.65 -1.10 15.13
CA HIS A 89 26.38 -0.01 14.52
C HIS A 89 27.87 -0.04 14.80
N GLY A 90 28.65 0.17 13.74
CA GLY A 90 30.10 0.33 13.85
C GLY A 90 30.65 1.27 12.79
N VAL A 91 31.88 1.74 12.99
CA VAL A 91 32.53 2.64 12.03
C VAL A 91 33.81 1.95 11.58
N LEU A 92 34.05 1.91 10.26
CA LEU A 92 35.26 1.30 9.73
C LEU A 92 36.52 2.02 10.21
N ARG A 93 37.58 1.26 10.42
CA ARG A 93 38.86 1.82 10.90
C ARG A 93 39.51 2.71 9.85
N SER A 94 39.36 2.38 8.58
CA SER A 94 39.94 3.21 7.51
C SER A 94 38.88 4.11 6.85
N ARG A 95 39.35 5.23 6.34
CA ARG A 95 38.55 6.08 5.48
C ARG A 95 38.50 5.43 4.11
N ASP A 96 37.49 5.79 3.31
CA ASP A 96 37.46 5.32 1.93
C ASP A 96 38.50 6.06 1.05
N SER A 97 38.56 5.76 -0.25
CA SER A 97 39.63 6.32 -1.08
C SER A 97 39.52 7.84 -1.28
N THR A 98 38.37 8.43 -0.97
CA THR A 98 38.22 9.88 -1.03
C THR A 98 38.32 10.56 0.33
N GLY A 99 38.62 9.80 1.39
CA GLY A 99 38.84 10.37 2.73
C GLY A 99 37.57 10.44 3.60
N SER A 100 36.47 9.91 3.10
CA SER A 100 35.23 9.81 3.88
C SER A 100 35.29 8.79 5.01
N ARG A 101 34.64 9.12 6.10
CA ARG A 101 34.35 8.20 7.18
C ARG A 101 33.26 7.25 6.70
N VAL A 102 33.36 5.98 7.05
CA VAL A 102 32.42 4.98 6.56
C VAL A 102 31.74 4.28 7.75
N LEU A 103 30.42 4.41 7.77
CA LEU A 103 29.58 3.90 8.88
C LEU A 103 28.76 2.71 8.46
N ILE A 104 28.59 1.76 9.37
CA ILE A 104 27.76 0.60 9.10
C ILE A 104 26.61 0.49 10.10
N TYR A 105 25.43 0.17 9.59
CA TYR A 105 24.24 0.01 10.39
C TYR A 105 23.64 -1.32 9.98
N ARG A 106 23.32 -2.17 10.96
CA ARG A 106 22.75 -3.46 10.70
C ARG A 106 21.36 -3.62 11.33
N ILE A 107 20.34 -3.51 10.50
CA ILE A 107 18.94 -3.60 10.93
C ILE A 107 18.57 -4.87 11.71
N ALA A 108 19.19 -5.99 11.39
CA ALA A 108 18.90 -7.25 12.10
C ALA A 108 19.13 -7.08 13.61
N TYR A 109 19.99 -6.14 13.99
CA TYR A 109 20.35 -5.98 15.41
C TYR A 109 19.58 -4.85 16.11
N TRP A 110 18.64 -4.26 15.39
CA TRP A 110 17.68 -3.38 16.00
C TRP A 110 16.42 -4.17 16.32
N ASP A 111 16.13 -4.34 17.59
CA ASP A 111 14.88 -4.98 18.02
C ASP A 111 13.81 -3.89 18.21
N PRO A 112 12.84 -3.80 17.27
CA PRO A 112 11.88 -2.70 17.29
C PRO A 112 10.89 -2.79 18.47
N LYS A 113 10.81 -3.95 19.12
CA LYS A 113 10.04 -4.09 20.37
C LYS A 113 10.76 -3.43 21.55
N VAL A 114 12.08 -3.22 21.42
CA VAL A 114 12.89 -2.65 22.52
C VAL A 114 13.30 -1.20 22.28
N PHE A 115 13.66 -0.88 21.04
CA PHE A 115 14.11 0.46 20.71
C PHE A 115 13.19 1.10 19.67
N THR A 116 12.92 2.39 19.83
CA THR A 116 12.04 3.10 18.92
C THR A 116 12.90 3.58 17.78
N ALA A 117 12.27 4.12 16.73
CA ALA A 117 13.01 4.70 15.63
C ALA A 117 13.79 5.91 16.15
N TYR A 118 13.26 6.57 17.18
CA TYR A 118 13.93 7.72 17.79
C TYR A 118 15.23 7.36 18.53
N ASP A 119 15.23 6.21 19.22
CA ASP A 119 16.44 5.66 19.84
C ASP A 119 17.50 5.34 18.77
N VAL A 120 17.08 4.69 17.68
CA VAL A 120 17.99 4.32 16.60
C VAL A 120 18.57 5.59 15.91
N PHE A 121 17.72 6.59 15.70
CA PHE A 121 18.14 7.86 15.10
C PHE A 121 19.21 8.54 16.00
N ARG A 122 19.01 8.48 17.31
CA ARG A 122 19.93 9.06 18.29
C ARG A 122 21.35 8.44 18.22
N VAL A 123 21.43 7.16 17.85
CA VAL A 123 22.73 6.50 17.67
C VAL A 123 23.50 7.25 16.58
N SER A 124 22.82 7.55 15.46
CA SER A 124 23.44 8.26 14.34
C SER A 124 23.83 9.68 14.68
N LEU A 125 23.00 10.33 15.49
CA LEU A 125 23.31 11.68 15.94
C LEU A 125 24.56 11.69 16.85
N ILE A 126 24.66 10.69 17.72
CA ILE A 126 25.82 10.55 18.60
C ILE A 126 27.08 10.32 17.75
N THR A 127 26.99 9.35 16.84
CA THR A 127 28.14 9.07 15.98
C THR A 127 28.56 10.29 15.17
N SER A 128 27.59 10.95 14.54
CA SER A 128 27.82 12.17 13.79
C SER A 128 28.48 13.31 14.62
N GLU A 129 28.01 13.53 15.83
CA GLU A 129 28.63 14.54 16.69
C GLU A 129 30.08 14.18 17.04
N LEU A 130 30.35 12.89 17.15
CA LEU A 130 31.71 12.42 17.39
C LEU A 130 32.61 12.57 16.17
N ILE A 131 32.20 12.08 15.01
CA ILE A 131 33.10 12.13 13.85
C ILE A 131 33.25 13.52 13.20
N VAL A 132 32.24 14.37 13.37
CA VAL A 132 32.30 15.74 12.82
C VAL A 132 33.41 16.55 13.47
N GLN A 133 33.92 16.10 14.61
CA GLN A 133 35.06 16.77 15.23
C GLN A 133 36.35 16.57 14.44
N GLU A 134 36.37 15.55 13.56
CA GLU A 134 37.55 15.24 12.76
C GLU A 134 37.56 16.15 11.55
N VAL A 135 38.63 16.91 11.38
CA VAL A 135 38.76 17.84 10.26
C VAL A 135 38.67 17.11 8.90
N GLU A 136 39.24 15.93 8.79
CA GLU A 136 39.15 15.18 7.53
C GLU A 136 37.73 14.71 7.22
N THR A 137 36.93 14.50 8.25
CA THR A 137 35.55 14.10 8.08
C THR A 137 34.73 15.32 7.65
N GLN A 138 35.04 16.50 8.20
CA GLN A 138 34.40 17.74 7.73
C GLN A 138 34.72 17.97 6.25
N ARG A 139 35.97 17.76 5.87
CA ARG A 139 36.38 17.98 4.49
C ARG A 139 35.80 16.92 3.53
N ASN A 140 35.85 15.64 3.92
CA ASN A 140 35.51 14.54 3.00
C ASN A 140 34.18 13.85 3.21
N GLY A 141 33.47 14.21 4.27
CA GLY A 141 32.14 13.70 4.50
C GLY A 141 32.08 12.27 4.98
N VAL A 142 30.87 11.68 4.92
CA VAL A 142 30.64 10.34 5.38
C VAL A 142 29.94 9.56 4.30
N LYS A 143 30.10 8.25 4.39
CA LYS A 143 29.25 7.30 3.69
C LYS A 143 28.66 6.34 4.70
N ALA A 144 27.40 5.98 4.48
CA ALA A 144 26.72 5.07 5.43
C ALA A 144 26.22 3.88 4.66
N ILE A 145 26.51 2.70 5.22
CA ILE A 145 26.04 1.44 4.69
C ILE A 145 24.96 0.90 5.62
N PHE A 146 23.79 0.59 5.07
CA PHE A 146 22.71 -0.02 5.85
C PHE A 146 22.49 -1.41 5.33
N ASP A 147 22.81 -2.38 6.17
CA ASP A 147 22.53 -3.76 5.89
C ASP A 147 21.10 -4.02 6.36
N LEU A 148 20.21 -4.25 5.40
CA LEU A 148 18.78 -4.44 5.69
C LEU A 148 18.39 -5.91 5.79
N GLU A 149 19.38 -6.79 5.87
CA GLU A 149 19.05 -8.19 6.11
C GLU A 149 18.31 -8.29 7.44
N GLY A 150 17.23 -9.07 7.47
CA GLY A 150 16.43 -9.18 8.67
C GLY A 150 15.41 -8.06 8.83
N TRP A 151 15.27 -7.19 7.82
CA TRP A 151 14.22 -6.15 7.84
C TRP A 151 12.86 -6.81 8.11
N GLN A 152 12.09 -6.30 9.05
CA GLN A 152 10.74 -6.89 9.33
C GLN A 152 9.66 -5.83 9.17
N VAL A 153 8.39 -6.25 9.04
CA VAL A 153 7.30 -5.28 8.97
C VAL A 153 7.36 -4.42 10.23
N SER A 154 7.82 -5.01 11.33
CA SER A 154 7.85 -4.27 12.60
C SER A 154 8.89 -3.13 12.65
N HIS A 155 9.94 -3.21 11.84
CA HIS A 155 10.83 -2.05 11.67
C HIS A 155 10.07 -0.98 10.91
N ALA A 156 9.23 -1.39 9.95
CA ALA A 156 8.48 -0.42 9.14
C ALA A 156 7.45 0.34 9.98
N PHE A 157 6.82 -0.34 10.93
CA PHE A 157 5.81 0.26 11.81
C PHE A 157 6.27 1.57 12.52
N GLN A 158 7.56 1.66 12.83
CA GLN A 158 8.20 2.78 13.56
C GLN A 158 8.61 3.93 12.62
N ILE A 159 8.69 3.68 11.33
CA ILE A 159 9.10 4.72 10.39
C ILE A 159 7.82 5.46 9.96
N THR A 160 7.40 6.40 10.80
CA THR A 160 6.25 7.22 10.47
C THR A 160 6.64 8.29 9.47
N PRO A 161 5.64 8.97 8.85
CA PRO A 161 5.97 10.14 8.04
C PRO A 161 6.82 11.20 8.80
N SER A 162 6.53 11.39 10.08
CA SER A 162 7.34 12.31 10.92
C SER A 162 8.81 11.94 10.97
N VAL A 163 9.08 10.65 11.14
CA VAL A 163 10.45 10.15 11.19
C VAL A 163 11.08 10.32 9.81
N ALA A 164 10.32 9.99 8.76
CA ALA A 164 10.84 10.15 7.40
C ALA A 164 11.30 11.60 7.13
N LYS A 165 10.52 12.58 7.58
CA LYS A 165 10.88 14.02 7.44
C LYS A 165 12.19 14.43 8.16
N LYS A 166 12.39 13.90 9.37
CA LYS A 166 13.63 14.11 10.13
C LYS A 166 14.85 13.50 9.45
N ILE A 167 14.65 12.31 8.88
CA ILE A 167 15.70 11.62 8.14
C ILE A 167 16.11 12.46 6.94
N ALA A 168 15.12 12.95 6.20
CA ALA A 168 15.33 13.78 5.00
C ALA A 168 16.13 15.04 5.36
N ALA A 169 15.70 15.76 6.38
CA ALA A 169 16.38 16.97 6.84
C ALA A 169 17.89 16.76 7.06
N VAL A 170 18.20 15.81 7.94
CA VAL A 170 19.54 15.54 8.41
C VAL A 170 20.49 15.10 7.30
N LEU A 171 19.94 14.50 6.24
CA LEU A 171 20.73 14.02 5.13
C LEU A 171 20.98 15.11 4.11
N THR A 172 20.26 16.22 4.23
CA THR A 172 20.31 17.20 3.16
C THR A 172 20.90 18.55 3.56
N ASP A 173 20.20 19.36 4.37
CA ASP A 173 20.75 20.65 4.72
C ASP A 173 20.50 21.07 6.17
N SER A 174 20.41 20.12 7.08
CA SER A 174 20.18 20.49 8.48
C SER A 174 21.25 19.98 9.44
N PHE A 175 22.25 19.28 8.94
CA PHE A 175 23.32 18.80 9.80
C PHE A 175 24.63 19.02 9.11
N PRO A 176 25.62 19.59 9.82
CA PRO A 176 26.88 19.99 9.19
C PRO A 176 27.88 18.84 8.95
N LEU A 177 27.48 17.90 8.09
CA LEU A 177 28.28 16.79 7.58
C LEU A 177 27.83 16.53 6.15
N LYS A 178 28.78 16.51 5.24
CA LYS A 178 28.52 16.18 3.85
C LYS A 178 28.25 14.68 3.78
N VAL A 179 27.15 14.32 3.14
CA VAL A 179 26.79 12.90 2.95
C VAL A 179 27.21 12.56 1.54
N ARG A 180 28.26 11.76 1.44
CA ARG A 180 28.82 11.50 0.11
C ARG A 180 28.27 10.20 -0.48
N GLY A 181 27.61 9.39 0.34
CA GLY A 181 27.13 8.09 -0.14
C GLY A 181 26.22 7.42 0.87
N ILE A 182 25.13 6.89 0.36
CA ILE A 182 24.23 6.05 1.16
C ILE A 182 24.10 4.73 0.41
N HIS A 183 24.53 3.62 1.04
CA HIS A 183 24.48 2.34 0.37
C HIS A 183 23.58 1.40 1.11
N LEU A 184 22.63 0.81 0.39
CA LEU A 184 21.77 -0.19 1.05
C LEU A 184 22.11 -1.54 0.46
N ILE A 185 22.28 -2.53 1.32
CA ILE A 185 22.47 -3.91 0.88
C ILE A 185 21.38 -4.81 1.51
N ASN A 186 21.08 -5.92 0.84
CA ASN A 186 20.04 -6.85 1.27
C ASN A 186 18.72 -6.15 1.49
N GLU A 187 18.46 -5.11 0.70
CA GLU A 187 17.22 -4.35 0.90
C GLU A 187 16.02 -5.10 0.27
N PRO A 188 14.84 -5.07 0.94
CA PRO A 188 13.62 -5.64 0.36
C PRO A 188 13.29 -4.91 -0.95
N VAL A 189 12.69 -5.63 -1.88
CA VAL A 189 12.49 -5.12 -3.24
C VAL A 189 11.57 -3.91 -3.20
N ILE A 190 10.73 -3.84 -2.18
CA ILE A 190 9.81 -2.74 -1.96
C ILE A 190 10.51 -1.38 -1.81
N PHE A 191 11.71 -1.38 -1.25
CA PHE A 191 12.53 -0.15 -1.14
C PHE A 191 12.74 0.57 -2.48
N HIS A 192 12.80 -0.18 -3.57
CA HIS A 192 12.95 0.38 -4.94
C HIS A 192 11.72 1.18 -5.36
N ALA A 193 10.52 0.72 -4.97
CA ALA A 193 9.29 1.44 -5.28
C ALA A 193 9.22 2.70 -4.47
N VAL A 194 9.63 2.61 -3.20
CA VAL A 194 9.67 3.77 -2.34
C VAL A 194 10.66 4.78 -2.91
N PHE A 195 11.81 4.30 -3.39
CA PHE A 195 12.82 5.18 -3.98
C PHE A 195 12.28 5.93 -5.23
N SER A 196 11.45 5.27 -6.05
CA SER A 196 10.82 5.94 -7.21
C SER A 196 9.91 7.11 -6.80
N MET A 197 9.17 6.93 -5.71
CA MET A 197 8.21 7.92 -5.23
C MET A 197 8.94 9.18 -4.76
N ILE A 198 10.13 8.95 -4.20
CA ILE A 198 10.95 9.99 -3.57
C ILE A 198 11.83 10.78 -4.54
N LYS A 199 12.26 10.14 -5.63
CA LYS A 199 13.27 10.75 -6.55
C LYS A 199 13.02 12.20 -7.02
N PRO A 200 11.78 12.51 -7.51
CA PRO A 200 11.50 13.87 -7.96
C PRO A 200 11.76 14.95 -6.89
N PHE A 201 11.65 14.58 -5.62
CA PHE A 201 11.81 15.52 -4.52
C PHE A 201 13.29 15.72 -4.10
N LEU A 202 14.20 15.09 -4.87
CA LEU A 202 15.64 15.15 -4.65
C LEU A 202 16.33 15.59 -5.95
N THR A 203 17.48 16.26 -5.83
CA THR A 203 18.22 16.74 -7.02
C THR A 203 19.09 15.66 -7.67
N GLU A 204 19.62 15.95 -8.86
CA GLU A 204 20.43 14.98 -9.60
C GLU A 204 21.64 14.48 -8.79
N LYS A 205 22.27 15.36 -8.02
CA LYS A 205 23.46 15.03 -7.21
C LYS A 205 23.19 14.08 -6.03
N ILE A 206 22.14 14.36 -5.24
CA ILE A 206 21.80 13.52 -4.09
C ILE A 206 21.28 12.12 -4.51
N LYS A 207 20.47 12.07 -5.58
CA LYS A 207 19.97 10.81 -6.14
C LYS A 207 21.12 9.98 -6.61
N ASP A 208 22.14 10.66 -7.12
CA ASP A 208 23.32 9.99 -7.59
C ASP A 208 24.15 9.41 -6.43
N ARG A 209 23.83 9.75 -5.19
CA ARG A 209 24.63 9.28 -4.03
C ARG A 209 23.91 8.20 -3.21
N ILE A 210 22.82 7.69 -3.77
CA ILE A 210 22.03 6.64 -3.12
C ILE A 210 22.14 5.39 -3.96
N HIS A 211 22.56 4.30 -3.32
CA HIS A 211 22.88 3.05 -4.03
C HIS A 211 22.17 1.89 -3.35
N LEU A 212 21.36 1.17 -4.11
CA LEU A 212 20.71 -0.04 -3.63
C LEU A 212 21.35 -1.26 -4.30
N HIS A 213 21.93 -2.13 -3.50
CA HIS A 213 22.78 -3.17 -4.06
C HIS A 213 22.14 -4.56 -4.10
N GLY A 214 21.09 -4.78 -3.33
CA GLY A 214 20.41 -6.10 -3.35
C GLY A 214 21.16 -7.12 -2.53
N ASN A 215 20.78 -8.38 -2.72
CA ASN A 215 21.29 -9.54 -2.00
C ASN A 215 22.63 -9.98 -2.54
N ASN A 216 22.87 -9.63 -3.79
CA ASN A 216 24.14 -9.96 -4.38
C ASN A 216 25.08 -8.78 -4.50
N TYR A 217 25.44 -8.19 -3.35
CA TYR A 217 25.97 -6.84 -3.28
C TYR A 217 27.47 -6.83 -3.30
N LYS A 218 28.09 -8.01 -3.16
CA LYS A 218 29.45 -8.01 -2.76
C LYS A 218 30.35 -7.35 -3.82
N SER A 219 30.19 -7.68 -5.11
CA SER A 219 31.10 -7.12 -6.11
C SER A 219 30.86 -5.62 -6.38
N SER A 220 29.60 -5.22 -6.26
CA SER A 220 29.28 -3.82 -6.47
C SER A 220 29.78 -2.95 -5.30
N MET A 221 29.62 -3.45 -4.07
CA MET A 221 30.19 -2.81 -2.88
C MET A 221 31.69 -2.70 -2.89
N LEU A 222 32.36 -3.75 -3.34
CA LEU A 222 33.81 -3.73 -3.44
C LEU A 222 34.36 -2.66 -4.39
N GLN A 223 33.55 -2.22 -5.36
CA GLN A 223 33.99 -1.18 -6.30
C GLN A 223 34.15 0.13 -5.55
N HIS A 224 33.27 0.35 -4.57
CA HIS A 224 33.24 1.56 -3.75
C HIS A 224 34.18 1.53 -2.56
N PHE A 225 34.33 0.32 -1.96
CA PHE A 225 35.10 0.16 -0.70
C PHE A 225 36.08 -0.99 -0.79
N PRO A 226 37.08 -0.89 -1.70
CA PRO A 226 38.02 -2.00 -1.77
C PRO A 226 38.88 -1.98 -0.51
N ASP A 227 39.27 -3.16 -0.02
CA ASP A 227 40.27 -3.27 1.08
C ASP A 227 39.81 -2.84 2.49
N ILE A 228 38.67 -2.20 2.64
CA ILE A 228 38.38 -1.68 3.96
C ILE A 228 37.18 -2.30 4.67
N LEU A 229 36.44 -3.18 3.97
CA LEU A 229 35.18 -3.69 4.55
C LEU A 229 35.46 -4.79 5.54
N PRO A 230 34.55 -5.03 6.50
CA PRO A 230 34.81 -6.25 7.26
C PRO A 230 34.57 -7.50 6.45
N ARG A 231 34.94 -8.61 7.05
CA ARG A 231 34.81 -9.92 6.43
C ARG A 231 33.42 -10.24 5.95
N GLU A 232 32.42 -9.85 6.76
CA GLU A 232 31.02 -10.15 6.45
C GLU A 232 30.60 -9.61 5.08
N TYR A 233 31.29 -8.57 4.61
CA TYR A 233 30.89 -7.86 3.38
C TYR A 233 31.92 -7.98 2.28
N GLY A 234 32.91 -8.86 2.47
CA GLY A 234 33.91 -9.10 1.46
C GLY A 234 35.33 -8.65 1.74
N GLY A 235 35.59 -8.01 2.88
CA GLY A 235 36.96 -7.64 3.24
C GLY A 235 37.66 -8.84 3.87
N LYS A 236 38.87 -8.67 4.39
CA LYS A 236 39.63 -9.84 4.89
C LYS A 236 40.20 -9.73 6.31
N GLU A 237 40.21 -8.54 6.89
CA GLU A 237 41.03 -8.28 8.06
C GLU A 237 40.32 -8.32 9.42
N PHE A 238 39.06 -7.93 9.45
CA PHE A 238 38.36 -7.81 10.71
C PHE A 238 36.90 -8.18 10.52
N SER A 239 36.22 -8.46 11.62
CA SER A 239 34.80 -8.80 11.63
C SER A 239 33.94 -7.59 12.04
N MET A 240 32.65 -7.66 11.74
CA MET A 240 31.71 -6.63 12.18
C MET A 240 31.72 -6.57 13.69
N GLU A 241 31.84 -7.74 14.32
CA GLU A 241 31.76 -7.79 15.77
C GLU A 241 32.90 -6.99 16.41
N ASP A 242 34.10 -7.06 15.83
CA ASP A 242 35.26 -6.24 16.25
C ASP A 242 34.94 -4.75 16.14
N ILE A 243 34.45 -4.31 14.99
CA ILE A 243 34.22 -2.89 14.85
C ILE A 243 33.03 -2.36 15.63
N CYS A 244 32.01 -3.18 15.84
CA CYS A 244 30.94 -2.77 16.74
C CYS A 244 31.46 -2.52 18.17
N GLN A 245 32.23 -3.49 18.67
CA GLN A 245 32.85 -3.42 20.01
C GLN A 245 33.75 -2.20 20.13
N GLU A 246 34.67 -2.02 19.18
CA GLU A 246 35.52 -0.80 19.17
C GLU A 246 34.72 0.49 19.20
N TRP A 247 33.68 0.61 18.35
CA TRP A 247 32.88 1.84 18.31
C TRP A 247 32.04 2.07 19.60
N THR A 248 31.50 0.97 20.16
CA THR A 248 30.78 1.03 21.44
C THR A 248 31.68 1.55 22.57
N ASN A 249 32.91 1.02 22.62
CA ASN A 249 33.90 1.43 23.64
C ASN A 249 34.18 2.92 23.48
N PHE A 250 34.37 3.37 22.23
CA PHE A 250 34.63 4.79 21.93
C PHE A 250 33.45 5.71 22.26
N ILE A 251 32.23 5.31 21.94
CA ILE A 251 31.04 6.12 22.30
C ILE A 251 30.96 6.27 23.84
N MET A 252 31.20 5.17 24.56
CA MET A 252 31.12 5.19 26.00
C MET A 252 32.29 5.97 26.64
N LYS A 253 33.49 5.85 26.09
CA LYS A 253 34.61 6.70 26.50
C LYS A 253 34.32 8.21 26.37
N SER A 254 33.54 8.56 25.35
CA SER A 254 33.18 9.93 25.04
C SER A 254 31.96 10.39 25.82
N GLU A 255 31.47 9.59 26.76
CA GLU A 255 30.16 9.87 27.38
C GLU A 255 30.10 11.21 28.11
N ASP A 256 31.23 11.65 28.67
CA ASP A 256 31.25 12.97 29.34
C ASP A 256 31.22 14.11 28.33
N TYR A 257 32.03 14.00 27.27
CA TYR A 257 31.95 14.99 26.19
C TYR A 257 30.52 15.09 25.65
N LEU A 258 29.88 13.94 25.41
CA LEU A 258 28.49 13.87 24.94
C LEU A 258 27.47 14.48 25.94
N SER A 259 27.70 14.23 27.23
CA SER A 259 26.87 14.80 28.27
C SER A 259 27.06 16.32 28.30
N SER A 260 28.29 16.76 28.07
CA SER A 260 28.63 18.19 28.12
C SER A 260 27.98 19.01 26.98
N ILE A 261 27.60 18.34 25.89
CA ILE A 261 26.93 19.01 24.77
C ILE A 261 25.42 18.66 24.62
N SER A 262 24.84 18.14 25.70
CA SER A 262 23.42 17.78 25.77
C SER A 262 22.64 18.83 26.58
N GLU A 263 21.39 19.07 26.19
CA GLU A 263 20.50 19.96 26.93
C GLU A 263 19.75 19.19 28.01
N LEU B 11 -0.24 58.19 -1.67
CA LEU B 11 -0.73 57.15 -2.62
C LEU B 11 0.38 56.24 -3.16
N LEU B 12 1.47 56.10 -2.40
CA LEU B 12 2.54 55.15 -2.70
C LEU B 12 2.17 53.77 -2.17
N GLN B 13 2.48 52.73 -2.92
CA GLN B 13 2.18 51.38 -2.48
C GLN B 13 3.41 50.77 -1.81
N PRO B 14 3.23 50.23 -0.57
CA PRO B 14 4.37 49.72 0.21
C PRO B 14 5.21 48.69 -0.55
N GLY B 15 6.47 49.02 -0.78
CA GLY B 15 7.41 48.11 -1.39
C GLY B 15 7.39 48.06 -2.91
N LEU B 16 6.45 48.76 -3.53
CA LEU B 16 6.28 48.68 -4.99
C LEU B 16 7.50 49.25 -5.72
N ALA B 17 7.92 50.47 -5.33
CA ALA B 17 9.10 51.09 -5.92
C ALA B 17 10.33 50.19 -5.82
N GLU B 18 10.55 49.61 -4.64
CA GLU B 18 11.68 48.71 -4.41
C GLU B 18 11.55 47.38 -5.14
N LEU B 19 10.33 46.87 -5.27
CA LEU B 19 10.10 45.64 -6.01
C LEU B 19 10.44 45.85 -7.48
N ARG B 20 9.99 46.96 -8.03
CA ARG B 20 10.28 47.33 -9.41
C ARG B 20 11.80 47.41 -9.69
N ARG B 21 12.59 47.86 -8.70
CA ARG B 21 14.05 47.90 -8.82
C ARG B 21 14.72 46.53 -8.71
N ARG B 22 14.27 45.71 -7.76
CA ARG B 22 14.80 44.36 -7.60
C ARG B 22 14.55 43.52 -8.86
N VAL B 23 13.38 43.72 -9.48
CA VAL B 23 12.96 43.03 -10.70
C VAL B 23 13.94 43.36 -11.83
N GLN B 24 14.27 44.65 -11.94
CA GLN B 24 15.21 45.16 -12.93
C GLN B 24 16.66 44.69 -12.70
N GLU B 25 17.13 44.75 -11.45
CA GLU B 25 18.48 44.26 -11.11
C GLU B 25 18.65 42.75 -11.32
N ALA B 26 17.58 41.99 -11.09
CA ALA B 26 17.61 40.54 -11.30
C ALA B 26 17.43 40.14 -12.77
N GLY B 27 16.85 41.04 -13.57
CA GLY B 27 16.63 40.80 -14.99
C GLY B 27 15.46 39.85 -15.27
N VAL B 28 14.38 40.01 -14.49
CA VAL B 28 13.16 39.22 -14.64
C VAL B 28 12.58 39.37 -16.05
N PRO B 29 12.19 38.23 -16.70
CA PRO B 29 11.63 38.25 -18.05
C PRO B 29 10.50 39.26 -18.24
N GLN B 30 10.61 40.07 -19.29
CA GLN B 30 9.65 41.12 -19.63
C GLN B 30 8.54 40.57 -20.51
N THR B 31 8.78 39.41 -21.12
CA THR B 31 7.78 38.69 -21.89
C THR B 31 7.55 37.30 -21.29
N PRO B 32 6.38 36.70 -21.54
CA PRO B 32 5.22 37.23 -22.26
C PRO B 32 4.39 38.25 -21.46
N GLN B 33 4.42 38.17 -20.13
CA GLN B 33 3.67 39.10 -19.29
C GLN B 33 4.47 40.35 -18.93
N PRO B 34 3.92 41.55 -19.29
CA PRO B 34 4.60 42.81 -19.00
C PRO B 34 4.63 43.13 -17.52
N LEU B 35 5.74 43.75 -17.10
CA LEU B 35 5.97 44.06 -15.70
C LEU B 35 5.30 45.39 -15.32
N THR B 36 3.99 45.47 -15.51
CA THR B 36 3.21 46.63 -15.08
C THR B 36 3.11 46.71 -13.54
N ASP B 37 2.67 47.87 -13.04
CA ASP B 37 2.38 48.03 -11.62
C ASP B 37 1.37 46.97 -11.18
N ALA B 38 0.31 46.81 -11.97
CA ALA B 38 -0.74 45.79 -11.78
C ALA B 38 -0.18 44.39 -11.59
N PHE B 39 0.81 44.02 -12.41
CA PHE B 39 1.40 42.69 -12.35
C PHE B 39 2.26 42.50 -11.09
N LEU B 40 3.09 43.50 -10.76
CA LEU B 40 3.93 43.46 -9.57
C LEU B 40 3.06 43.38 -8.33
N LEU B 41 1.97 44.13 -8.33
CA LEU B 41 1.10 44.21 -7.17
C LEU B 41 0.42 42.87 -6.84
N ARG B 42 0.33 41.97 -7.83
CA ARG B 42 -0.15 40.60 -7.60
C ARG B 42 0.67 39.94 -6.50
N PHE B 43 1.99 40.11 -6.57
CA PHE B 43 2.95 39.49 -5.67
C PHE B 43 2.93 40.10 -4.29
N LEU B 44 2.82 41.43 -4.24
CA LEU B 44 2.78 42.16 -2.99
C LEU B 44 1.49 41.87 -2.26
N ARG B 45 0.38 41.88 -2.98
CA ARG B 45 -0.91 41.59 -2.36
C ARG B 45 -0.98 40.16 -1.85
N ALA B 46 -0.40 39.22 -2.61
CA ALA B 46 -0.40 37.82 -2.19
C ALA B 46 0.37 37.62 -0.88
N ARG B 47 1.32 38.50 -0.61
CA ARG B 47 2.08 38.41 0.64
C ARG B 47 1.81 39.60 1.58
N ASP B 48 0.62 40.18 1.44
CA ASP B 48 0.20 41.37 2.21
C ASP B 48 1.25 42.46 2.34
N PHE B 49 1.92 42.79 1.23
CA PHE B 49 2.89 43.87 1.19
C PHE B 49 4.17 43.66 2.02
N ASP B 50 4.46 42.40 2.37
CA ASP B 50 5.77 42.06 2.93
C ASP B 50 6.68 41.93 1.70
N LEU B 51 7.58 42.90 1.53
CA LEU B 51 8.41 42.97 0.32
C LEU B 51 9.31 41.77 0.12
N ASP B 52 10.01 41.35 1.17
CA ASP B 52 10.89 40.17 1.05
C ASP B 52 10.16 38.88 0.67
N LEU B 53 8.98 38.67 1.23
CA LEU B 53 8.20 37.49 0.88
C LEU B 53 7.61 37.59 -0.52
N ALA B 54 7.24 38.81 -0.95
CA ALA B 54 6.70 39.00 -2.29
C ALA B 54 7.80 38.73 -3.32
N TRP B 55 9.02 39.11 -2.97
CA TRP B 55 10.19 38.90 -3.82
C TRP B 55 10.56 37.42 -3.92
N ARG B 56 10.63 36.72 -2.78
CA ARG B 56 10.87 35.28 -2.80
C ARG B 56 9.81 34.54 -3.64
N LEU B 57 8.54 34.92 -3.49
CA LEU B 57 7.41 34.41 -4.29
C LEU B 57 7.63 34.64 -5.78
N MET B 58 7.98 35.88 -6.11
CA MET B 58 8.15 36.25 -7.51
C MET B 58 9.31 35.48 -8.18
N LYS B 59 10.42 35.33 -7.45
CA LYS B 59 11.51 34.47 -7.93
C LYS B 59 11.10 33.01 -8.05
N ASN B 60 10.32 32.52 -7.09
CA ASN B 60 9.82 31.14 -7.13
C ASN B 60 8.89 30.90 -8.33
N TYR B 61 8.01 31.88 -8.60
CA TYR B 61 7.09 31.84 -9.74
C TYR B 61 7.81 31.68 -11.08
N TYR B 62 8.90 32.43 -11.28
CA TYR B 62 9.67 32.37 -12.53
C TYR B 62 10.52 31.11 -12.63
N LYS B 63 11.05 30.68 -11.50
CA LYS B 63 11.79 29.42 -11.36
C LYS B 63 10.87 28.24 -11.67
N TRP B 64 9.65 28.24 -11.12
CA TRP B 64 8.71 27.16 -11.38
C TRP B 64 8.34 27.12 -12.86
N ARG B 65 8.07 28.29 -13.45
CA ARG B 65 7.74 28.38 -14.87
C ARG B 65 8.85 27.82 -15.78
N ALA B 66 10.09 28.17 -15.45
CA ALA B 66 11.26 27.75 -16.27
C ALA B 66 11.51 26.25 -16.18
N GLU B 67 11.19 25.66 -15.04
CA GLU B 67 11.38 24.23 -14.79
C GLU B 67 10.25 23.38 -15.36
N CYS B 68 9.08 23.99 -15.59
CA CYS B 68 7.91 23.28 -16.14
C CYS B 68 7.31 23.92 -17.42
N PRO B 69 8.14 24.19 -18.46
CA PRO B 69 7.61 24.91 -19.63
C PRO B 69 6.50 24.16 -20.37
N GLU B 70 6.45 22.84 -20.19
CA GLU B 70 5.36 22.02 -20.74
C GLU B 70 4.01 22.29 -20.05
N LEU B 71 4.04 23.07 -18.96
CA LEU B 71 2.82 23.58 -18.33
C LEU B 71 2.69 25.09 -18.52
N SER B 72 3.78 25.82 -18.29
CA SER B 72 3.74 27.29 -18.17
C SER B 72 3.79 28.09 -19.48
N ALA B 73 4.37 27.51 -20.54
CA ALA B 73 4.52 28.22 -21.82
C ALA B 73 3.17 28.47 -22.49
N ASP B 74 2.37 27.41 -22.65
CA ASP B 74 1.12 27.51 -23.39
C ASP B 74 -0.10 27.66 -22.49
N LEU B 75 -0.67 28.87 -22.45
CA LEU B 75 -1.91 29.11 -21.69
C LEU B 75 -3.14 29.35 -22.58
N ARG B 76 -3.04 28.98 -23.85
CA ARG B 76 -4.17 29.10 -24.80
C ARG B 76 -5.20 28.01 -24.54
N PRO B 77 -6.49 28.37 -24.49
CA PRO B 77 -7.47 27.39 -24.04
C PRO B 77 -7.80 26.27 -25.04
N ARG B 78 -7.52 26.51 -26.33
CA ARG B 78 -8.02 25.63 -27.39
C ARG B 78 -7.80 24.13 -27.13
N SER B 79 -6.55 23.77 -26.83
CA SER B 79 -6.15 22.38 -26.57
C SER B 79 -6.92 21.69 -25.43
N ILE B 80 -7.40 22.49 -24.46
CA ILE B 80 -8.15 21.95 -23.31
C ILE B 80 -9.66 22.27 -23.31
N LEU B 81 -10.17 22.81 -24.42
CA LEU B 81 -11.61 23.05 -24.60
C LEU B 81 -12.50 21.82 -24.37
N GLY B 82 -12.08 20.66 -24.87
CA GLY B 82 -12.83 19.41 -24.65
C GLY B 82 -13.11 19.13 -23.17
N LEU B 83 -12.12 19.42 -22.33
CA LEU B 83 -12.24 19.18 -20.90
C LEU B 83 -13.28 20.10 -20.27
N LEU B 84 -13.26 21.38 -20.63
CA LEU B 84 -14.25 22.35 -20.17
C LEU B 84 -15.65 22.02 -20.66
N LYS B 85 -15.75 21.68 -21.95
CA LYS B 85 -17.02 21.23 -22.54
C LYS B 85 -17.59 20.01 -21.80
N ALA B 86 -16.72 19.07 -21.43
CA ALA B 86 -17.14 17.88 -20.66
C ALA B 86 -17.71 18.19 -19.27
N GLY B 87 -17.35 19.34 -18.70
CA GLY B 87 -17.91 19.71 -17.40
C GLY B 87 -16.95 19.48 -16.26
N TYR B 88 -15.67 19.50 -16.56
CA TYR B 88 -14.62 19.33 -15.55
C TYR B 88 -14.50 20.48 -14.54
N HIS B 89 -14.81 21.70 -14.96
CA HIS B 89 -14.41 22.86 -14.17
C HIS B 89 -15.37 24.04 -14.32
N GLY B 90 -15.75 24.61 -13.19
CA GLY B 90 -16.56 25.84 -13.14
C GLY B 90 -16.18 26.69 -11.96
N VAL B 91 -16.55 27.97 -12.00
CA VAL B 91 -16.29 28.89 -10.89
C VAL B 91 -17.62 29.40 -10.33
N LEU B 92 -17.79 29.38 -9.01
CA LEU B 92 -19.04 29.91 -8.41
C LEU B 92 -19.25 31.38 -8.77
N ARG B 93 -20.53 31.76 -8.86
CA ARG B 93 -20.92 33.14 -9.13
C ARG B 93 -20.54 34.06 -7.98
N SER B 94 -20.85 33.63 -6.77
CA SER B 94 -20.58 34.43 -5.59
C SER B 94 -19.23 34.06 -4.95
N ARG B 95 -18.61 35.04 -4.34
CA ARG B 95 -17.44 34.83 -3.53
C ARG B 95 -17.95 34.20 -2.24
N ASP B 96 -17.10 33.48 -1.52
CA ASP B 96 -17.50 32.98 -0.21
C ASP B 96 -17.57 34.16 0.77
N SER B 97 -17.92 33.88 2.03
CA SER B 97 -18.16 34.94 3.02
C SER B 97 -16.89 35.72 3.40
N THR B 98 -15.71 35.21 3.02
CA THR B 98 -14.45 35.94 3.28
C THR B 98 -13.92 36.61 2.01
N GLY B 99 -14.66 36.49 0.91
CA GLY B 99 -14.34 37.16 -0.34
C GLY B 99 -13.54 36.32 -1.32
N SER B 100 -13.31 35.04 -1.00
CA SER B 100 -12.53 34.18 -1.90
C SER B 100 -13.36 33.83 -3.13
N ARG B 101 -12.69 33.69 -4.27
CA ARG B 101 -13.22 32.99 -5.41
C ARG B 101 -13.34 31.50 -5.09
N VAL B 102 -14.39 30.85 -5.56
CA VAL B 102 -14.53 29.42 -5.28
C VAL B 102 -14.56 28.62 -6.57
N LEU B 103 -13.61 27.68 -6.71
CA LEU B 103 -13.43 26.91 -7.93
C LEU B 103 -13.86 25.47 -7.70
N ILE B 104 -14.53 24.86 -8.68
CA ILE B 104 -14.95 23.48 -8.57
C ILE B 104 -14.32 22.68 -9.72
N TYR B 105 -13.72 21.55 -9.34
CA TYR B 105 -13.14 20.62 -10.30
C TYR B 105 -13.82 19.25 -10.12
N ARG B 106 -14.24 18.62 -11.22
CA ARG B 106 -14.94 17.34 -11.14
C ARG B 106 -14.22 16.25 -11.93
N ILE B 107 -13.58 15.36 -11.19
CA ILE B 107 -12.75 14.31 -11.74
C ILE B 107 -13.51 13.37 -12.73
N ALA B 108 -14.80 13.17 -12.48
CA ALA B 108 -15.63 12.31 -13.31
C ALA B 108 -15.76 12.82 -14.76
N TYR B 109 -15.43 14.08 -14.99
CA TYR B 109 -15.53 14.66 -16.34
C TYR B 109 -14.16 14.83 -17.00
N TRP B 110 -13.15 14.28 -16.34
CA TRP B 110 -11.81 14.15 -16.93
C TRP B 110 -11.62 12.73 -17.47
N ASP B 111 -11.64 12.62 -18.80
CA ASP B 111 -11.36 11.33 -19.45
C ASP B 111 -9.85 11.22 -19.64
N PRO B 112 -9.22 10.29 -18.90
CA PRO B 112 -7.76 10.16 -18.94
C PRO B 112 -7.22 9.51 -20.22
N LYS B 113 -8.07 8.80 -20.97
CA LYS B 113 -7.66 8.34 -22.30
C LYS B 113 -7.46 9.54 -23.21
N VAL B 114 -8.27 10.59 -22.99
CA VAL B 114 -8.28 11.78 -23.85
C VAL B 114 -7.32 12.87 -23.35
N PHE B 115 -7.37 13.20 -22.06
CA PHE B 115 -6.53 14.27 -21.50
C PHE B 115 -5.53 13.75 -20.47
N THR B 116 -4.31 14.26 -20.54
CA THR B 116 -3.25 13.89 -19.58
C THR B 116 -3.37 14.75 -18.31
N ALA B 117 -2.62 14.38 -17.26
CA ALA B 117 -2.49 15.21 -16.04
C ALA B 117 -2.03 16.63 -16.36
N TYR B 118 -1.09 16.78 -17.29
CA TYR B 118 -0.57 18.08 -17.75
C TYR B 118 -1.61 19.00 -18.40
N ASP B 119 -2.58 18.41 -19.10
CA ASP B 119 -3.67 19.16 -19.72
C ASP B 119 -4.62 19.66 -18.63
N VAL B 120 -4.99 18.76 -17.73
CA VAL B 120 -5.84 19.10 -16.61
C VAL B 120 -5.17 20.22 -15.78
N PHE B 121 -3.86 20.11 -15.55
CA PHE B 121 -3.09 21.05 -14.76
C PHE B 121 -3.20 22.40 -15.45
N ARG B 122 -3.20 22.40 -16.79
CA ARG B 122 -3.23 23.66 -17.55
C ARG B 122 -4.54 24.42 -17.36
N VAL B 123 -5.64 23.68 -17.25
CA VAL B 123 -6.94 24.27 -16.88
C VAL B 123 -6.84 25.11 -15.58
N SER B 124 -6.13 24.59 -14.57
CA SER B 124 -5.97 25.35 -13.31
C SER B 124 -5.11 26.60 -13.52
N LEU B 125 -4.03 26.45 -14.29
CA LEU B 125 -3.16 27.59 -14.61
C LEU B 125 -3.93 28.68 -15.35
N ILE B 126 -4.68 28.30 -16.37
CA ILE B 126 -5.51 29.25 -17.11
C ILE B 126 -6.48 29.99 -16.18
N THR B 127 -7.27 29.25 -15.42
CA THR B 127 -8.18 29.85 -14.44
C THR B 127 -7.47 30.79 -13.46
N SER B 128 -6.34 30.35 -12.91
CA SER B 128 -5.61 31.17 -11.95
C SER B 128 -5.09 32.46 -12.55
N GLU B 129 -4.57 32.38 -13.78
CA GLU B 129 -4.09 33.58 -14.46
C GLU B 129 -5.22 34.55 -14.77
N LEU B 130 -6.44 34.05 -14.87
CA LEU B 130 -7.58 34.92 -15.15
C LEU B 130 -8.11 35.57 -13.89
N ILE B 131 -8.30 34.80 -12.81
CA ILE B 131 -8.85 35.36 -11.57
C ILE B 131 -7.86 36.23 -10.76
N VAL B 132 -6.55 36.00 -10.95
CA VAL B 132 -5.53 36.77 -10.24
C VAL B 132 -5.52 38.24 -10.70
N GLN B 133 -6.18 38.51 -11.82
CA GLN B 133 -6.35 39.88 -12.29
C GLN B 133 -7.32 40.66 -11.39
N GLU B 134 -8.18 39.95 -10.66
CA GLU B 134 -9.16 40.59 -9.77
C GLU B 134 -8.48 41.01 -8.46
N VAL B 135 -8.67 42.26 -8.07
CA VAL B 135 -8.03 42.76 -6.86
C VAL B 135 -8.57 42.07 -5.61
N GLU B 136 -9.88 41.80 -5.62
CA GLU B 136 -10.52 41.12 -4.48
C GLU B 136 -10.02 39.68 -4.31
N THR B 137 -9.65 39.04 -5.41
CA THR B 137 -9.11 37.67 -5.37
C THR B 137 -7.65 37.70 -4.87
N GLN B 138 -6.89 38.70 -5.29
CA GLN B 138 -5.53 38.89 -4.78
C GLN B 138 -5.56 39.05 -3.26
N ARG B 139 -6.53 39.82 -2.78
CA ARG B 139 -6.65 40.12 -1.37
C ARG B 139 -7.18 38.94 -0.60
N ASN B 140 -8.15 38.24 -1.16
CA ASN B 140 -8.90 37.23 -0.38
C ASN B 140 -8.66 35.77 -0.78
N GLY B 141 -7.92 35.55 -1.87
CA GLY B 141 -7.50 34.22 -2.28
C GLY B 141 -8.61 33.40 -2.91
N VAL B 142 -8.33 32.10 -2.97
CA VAL B 142 -9.17 31.11 -3.64
C VAL B 142 -9.42 29.96 -2.70
N LYS B 143 -10.53 29.28 -2.93
CA LYS B 143 -10.81 27.99 -2.33
C LYS B 143 -11.16 27.06 -3.44
N ALA B 144 -10.62 25.86 -3.41
CA ALA B 144 -10.88 24.95 -4.51
C ALA B 144 -11.57 23.72 -3.94
N ILE B 145 -12.61 23.27 -4.62
CA ILE B 145 -13.36 22.07 -4.27
C ILE B 145 -13.14 21.01 -5.35
N PHE B 146 -12.58 19.87 -4.94
CA PHE B 146 -12.39 18.73 -5.84
C PHE B 146 -13.40 17.64 -5.52
N ASP B 147 -14.31 17.40 -6.45
CA ASP B 147 -15.23 16.30 -6.37
C ASP B 147 -14.55 15.09 -7.06
N LEU B 148 -14.12 14.13 -6.24
CA LEU B 148 -13.37 12.98 -6.68
C LEU B 148 -14.24 11.74 -7.02
N GLU B 149 -15.55 11.90 -6.99
CA GLU B 149 -16.45 10.82 -7.44
C GLU B 149 -16.09 10.42 -8.89
N GLY B 150 -15.96 9.13 -9.14
CA GLY B 150 -15.59 8.61 -10.47
C GLY B 150 -14.08 8.53 -10.62
N TRP B 151 -13.32 8.70 -9.53
CA TRP B 151 -11.86 8.57 -9.61
C TRP B 151 -11.52 7.14 -9.99
N GLN B 152 -10.58 7.00 -10.94
CA GLN B 152 -10.17 5.69 -11.46
C GLN B 152 -8.66 5.47 -11.42
N VAL B 153 -8.25 4.21 -11.55
CA VAL B 153 -6.83 3.86 -11.58
C VAL B 153 -6.15 4.55 -12.75
N SER B 154 -6.89 4.75 -13.82
CA SER B 154 -6.37 5.52 -14.94
C SER B 154 -5.97 6.95 -14.55
N HIS B 155 -6.74 7.59 -13.64
CA HIS B 155 -6.36 8.91 -13.08
C HIS B 155 -5.12 8.75 -12.20
N ALA B 156 -5.14 7.78 -11.27
CA ALA B 156 -4.03 7.53 -10.35
C ALA B 156 -2.69 7.39 -11.09
N PHE B 157 -2.67 6.62 -12.18
CA PHE B 157 -1.44 6.40 -12.97
C PHE B 157 -0.88 7.65 -13.67
N GLN B 158 -1.75 8.60 -14.00
CA GLN B 158 -1.31 9.91 -14.49
C GLN B 158 -0.65 10.75 -13.38
N ILE B 159 -0.92 10.45 -12.11
CA ILE B 159 -0.33 11.27 -11.06
C ILE B 159 0.97 10.59 -10.63
N THR B 160 1.97 10.74 -11.48
CA THR B 160 3.29 10.17 -11.27
C THR B 160 3.99 10.90 -10.11
N PRO B 161 5.05 10.30 -9.56
CA PRO B 161 5.74 11.10 -8.53
C PRO B 161 6.19 12.48 -9.07
N SER B 162 6.50 12.55 -10.36
CA SER B 162 6.90 13.81 -10.99
C SER B 162 5.77 14.83 -10.99
N VAL B 163 4.57 14.39 -11.37
CA VAL B 163 3.38 15.26 -11.35
C VAL B 163 3.08 15.74 -9.93
N ALA B 164 3.21 14.85 -8.95
CA ALA B 164 2.95 15.21 -7.55
C ALA B 164 3.91 16.32 -7.07
N LYS B 165 5.17 16.25 -7.50
CA LYS B 165 6.17 17.25 -7.17
C LYS B 165 5.83 18.61 -7.76
N LYS B 166 5.34 18.62 -9.01
CA LYS B 166 4.95 19.88 -9.68
C LYS B 166 3.69 20.49 -9.11
N ILE B 167 2.75 19.65 -8.65
CA ILE B 167 1.59 20.12 -7.86
C ILE B 167 2.05 20.71 -6.52
N ALA B 168 3.00 20.04 -5.87
CA ALA B 168 3.55 20.54 -4.60
C ALA B 168 4.32 21.83 -4.87
N ALA B 169 5.26 21.76 -5.82
CA ALA B 169 6.07 22.93 -6.19
C ALA B 169 5.20 24.17 -6.49
N VAL B 170 4.17 24.02 -7.31
CA VAL B 170 3.29 25.14 -7.69
C VAL B 170 2.47 25.64 -6.53
N LEU B 171 2.17 24.76 -5.57
CA LEU B 171 1.38 25.16 -4.41
C LEU B 171 2.29 25.72 -3.29
N THR B 172 3.59 25.39 -3.34
CA THR B 172 4.56 25.86 -2.34
C THR B 172 5.26 27.15 -2.79
N ASP B 173 4.57 28.26 -2.50
CA ASP B 173 5.15 29.59 -2.63
C ASP B 173 5.57 29.88 -4.07
N SER B 174 4.84 29.40 -5.07
CA SER B 174 5.25 29.62 -6.48
C SER B 174 4.19 30.22 -7.38
N PHE B 175 3.02 30.53 -6.83
CA PHE B 175 2.01 31.22 -7.65
C PHE B 175 1.39 32.31 -6.81
N PRO B 176 1.22 33.53 -7.38
CA PRO B 176 0.71 34.65 -6.60
C PRO B 176 -0.82 34.64 -6.43
N LEU B 177 -1.34 33.57 -5.83
CA LEU B 177 -2.71 33.51 -5.31
C LEU B 177 -2.66 32.84 -3.96
N LYS B 178 -3.23 33.48 -2.96
CA LYS B 178 -3.39 32.86 -1.64
C LYS B 178 -4.32 31.66 -1.74
N VAL B 179 -3.93 30.53 -1.16
CA VAL B 179 -4.83 29.35 -1.14
C VAL B 179 -5.45 29.29 0.26
N ARG B 180 -6.73 29.61 0.33
CA ARG B 180 -7.40 29.76 1.59
C ARG B 180 -8.08 28.48 2.01
N GLY B 181 -8.28 27.59 1.05
CA GLY B 181 -8.87 26.32 1.39
C GLY B 181 -8.92 25.35 0.25
N ILE B 182 -8.70 24.09 0.60
CA ILE B 182 -8.83 22.98 -0.34
C ILE B 182 -9.86 21.99 0.23
N HIS B 183 -10.90 21.72 -0.52
CA HIS B 183 -11.95 20.80 -0.09
C HIS B 183 -12.05 19.63 -1.03
N LEU B 184 -11.90 18.43 -0.49
CA LEU B 184 -12.12 17.26 -1.32
C LEU B 184 -13.41 16.61 -0.88
N ILE B 185 -14.22 16.15 -1.83
CA ILE B 185 -15.46 15.42 -1.51
C ILE B 185 -15.48 14.14 -2.32
N ASN B 186 -16.15 13.12 -1.81
CA ASN B 186 -16.21 11.82 -2.49
C ASN B 186 -14.83 11.19 -2.74
N GLU B 187 -13.88 11.47 -1.86
CA GLU B 187 -12.49 11.08 -2.10
C GLU B 187 -12.28 9.63 -1.71
N PRO B 188 -11.48 8.89 -2.50
CA PRO B 188 -11.17 7.52 -2.08
C PRO B 188 -10.39 7.59 -0.78
N VAL B 189 -10.59 6.56 0.04
CA VAL B 189 -9.90 6.43 1.32
C VAL B 189 -8.40 6.64 1.23
N ILE B 190 -7.77 6.23 0.14
CA ILE B 190 -6.31 6.40 0.01
C ILE B 190 -5.81 7.82 0.08
N PHE B 191 -6.64 8.78 -0.33
CA PHE B 191 -6.26 10.19 -0.23
C PHE B 191 -5.95 10.57 1.22
N HIS B 192 -6.65 9.93 2.17
CA HIS B 192 -6.37 10.12 3.59
C HIS B 192 -5.00 9.62 4.00
N ALA B 193 -4.59 8.47 3.46
CA ALA B 193 -3.26 7.93 3.74
C ALA B 193 -2.21 8.86 3.12
N VAL B 194 -2.44 9.32 1.91
CA VAL B 194 -1.53 10.26 1.27
C VAL B 194 -1.41 11.56 2.09
N PHE B 195 -2.55 12.07 2.56
CA PHE B 195 -2.55 13.24 3.42
C PHE B 195 -1.68 13.01 4.67
N SER B 196 -1.82 11.85 5.30
CA SER B 196 -0.98 11.54 6.47
C SER B 196 0.53 11.60 6.20
N MET B 197 0.91 11.16 5.00
CA MET B 197 2.31 11.16 4.58
C MET B 197 2.84 12.57 4.41
N ILE B 198 2.00 13.48 3.88
CA ILE B 198 2.45 14.84 3.61
C ILE B 198 2.34 15.76 4.81
N LYS B 199 1.44 15.46 5.74
CA LYS B 199 1.22 16.33 6.91
C LYS B 199 2.47 16.84 7.65
N PRO B 200 3.47 15.97 7.93
CA PRO B 200 4.63 16.54 8.64
C PRO B 200 5.37 17.62 7.85
N PHE B 201 5.17 17.67 6.55
CA PHE B 201 5.81 18.68 5.71
C PHE B 201 5.03 20.02 5.67
N LEU B 202 3.90 20.09 6.39
CA LEU B 202 3.03 21.28 6.38
C LEU B 202 3.00 22.01 7.72
N THR B 203 2.77 23.32 7.71
CA THR B 203 2.48 24.00 8.98
C THR B 203 1.07 23.68 9.44
N GLU B 204 0.79 23.92 10.72
CA GLU B 204 -0.53 23.73 11.28
C GLU B 204 -1.57 24.60 10.53
N LYS B 205 -1.13 25.80 10.14
CA LYS B 205 -1.97 26.78 9.43
C LYS B 205 -2.48 26.26 8.09
N ILE B 206 -1.58 25.60 7.36
CA ILE B 206 -1.90 25.04 6.07
C ILE B 206 -2.70 23.73 6.18
N LYS B 207 -2.39 22.95 7.21
CA LYS B 207 -3.04 21.67 7.41
C LYS B 207 -4.48 21.94 7.68
N ASP B 208 -4.73 23.00 8.45
CA ASP B 208 -6.08 23.39 8.83
C ASP B 208 -6.86 23.97 7.64
N ARG B 209 -6.24 24.09 6.46
CA ARG B 209 -6.99 24.58 5.27
C ARG B 209 -7.34 23.47 4.30
N ILE B 210 -7.02 22.23 4.67
CA ILE B 210 -7.22 21.15 3.75
C ILE B 210 -8.32 20.31 4.39
N HIS B 211 -9.37 19.96 3.63
CA HIS B 211 -10.58 19.39 4.23
C HIS B 211 -11.04 18.23 3.37
N LEU B 212 -11.00 17.04 3.92
CA LEU B 212 -11.43 15.88 3.16
C LEU B 212 -12.77 15.49 3.77
N HIS B 213 -13.85 15.65 3.01
CA HIS B 213 -15.20 15.56 3.55
C HIS B 213 -15.86 14.18 3.37
N GLY B 214 -15.39 13.39 2.42
CA GLY B 214 -15.91 12.01 2.29
C GLY B 214 -17.15 12.02 1.43
N ASN B 215 -17.89 10.91 1.45
CA ASN B 215 -19.10 10.74 0.64
C ASN B 215 -20.31 11.40 1.28
N ASN B 216 -20.24 11.63 2.59
CA ASN B 216 -21.34 12.31 3.29
C ASN B 216 -21.01 13.76 3.60
N TYR B 217 -20.64 14.48 2.54
CA TYR B 217 -19.99 15.77 2.64
C TYR B 217 -20.97 16.94 2.76
N LYS B 218 -22.25 16.69 2.54
CA LYS B 218 -23.17 17.79 2.29
C LYS B 218 -23.27 18.81 3.43
N SER B 219 -23.58 18.35 4.64
CA SER B 219 -23.72 19.24 5.78
C SER B 219 -22.38 19.94 6.13
N SER B 220 -21.26 19.22 6.06
CA SER B 220 -19.94 19.79 6.40
C SER B 220 -19.51 20.88 5.42
N MET B 221 -19.73 20.60 4.14
CA MET B 221 -19.37 21.59 3.14
C MET B 221 -20.32 22.78 3.07
N LEU B 222 -21.56 22.60 3.51
CA LEU B 222 -22.49 23.71 3.65
C LEU B 222 -22.10 24.68 4.75
N GLN B 223 -21.34 24.21 5.74
CA GLN B 223 -20.84 25.14 6.79
C GLN B 223 -19.89 26.17 6.21
N HIS B 224 -19.13 25.75 5.20
CA HIS B 224 -18.12 26.63 4.60
C HIS B 224 -18.70 27.53 3.53
N PHE B 225 -19.66 27.00 2.79
CA PHE B 225 -20.21 27.71 1.64
C PHE B 225 -21.75 27.87 1.71
N PRO B 226 -22.26 28.56 2.74
CA PRO B 226 -23.73 28.62 2.73
C PRO B 226 -24.23 29.44 1.54
N ASP B 227 -25.39 29.06 1.00
CA ASP B 227 -26.11 29.81 -0.03
C ASP B 227 -25.42 30.04 -1.39
N ILE B 228 -24.25 29.45 -1.64
CA ILE B 228 -23.54 29.75 -2.89
C ILE B 228 -23.17 28.52 -3.75
N LEU B 229 -23.43 27.32 -3.23
CA LEU B 229 -23.13 26.09 -3.96
C LEU B 229 -24.18 25.78 -5.02
N PRO B 230 -23.79 25.09 -6.10
CA PRO B 230 -24.78 24.53 -7.04
C PRO B 230 -25.66 23.47 -6.36
N ARG B 231 -26.79 23.15 -6.99
CA ARG B 231 -27.78 22.23 -6.41
C ARG B 231 -27.19 20.88 -6.08
N GLU B 232 -26.25 20.43 -6.91
CA GLU B 232 -25.61 19.13 -6.75
C GLU B 232 -24.95 18.96 -5.36
N TYR B 233 -24.53 20.07 -4.75
CA TYR B 233 -23.80 20.04 -3.47
C TYR B 233 -24.55 20.71 -2.32
N GLY B 234 -25.86 20.92 -2.52
CA GLY B 234 -26.76 21.40 -1.48
C GLY B 234 -27.28 22.82 -1.63
N GLY B 235 -26.82 23.54 -2.64
CA GLY B 235 -27.38 24.85 -2.97
C GLY B 235 -28.73 24.69 -3.66
N LYS B 236 -29.31 25.79 -4.13
CA LYS B 236 -30.64 25.70 -4.75
C LYS B 236 -30.93 26.71 -5.85
N GLU B 237 -29.95 27.51 -6.24
CA GLU B 237 -30.17 28.55 -7.24
C GLU B 237 -29.72 28.24 -8.66
N PHE B 238 -28.72 27.36 -8.81
CA PHE B 238 -28.21 26.97 -10.13
C PHE B 238 -27.60 25.58 -10.07
N SER B 239 -27.28 25.02 -11.23
CA SER B 239 -26.65 23.69 -11.32
C SER B 239 -25.18 23.81 -11.72
N MET B 240 -24.41 22.75 -11.48
CA MET B 240 -23.03 22.66 -11.97
C MET B 240 -22.92 22.97 -13.46
N GLU B 241 -23.81 22.37 -14.24
CA GLU B 241 -23.87 22.59 -15.67
C GLU B 241 -23.93 24.09 -16.05
N ASP B 242 -24.79 24.85 -15.38
CA ASP B 242 -24.84 26.32 -15.59
C ASP B 242 -23.47 26.95 -15.42
N ILE B 243 -22.78 26.69 -14.30
CA ILE B 243 -21.51 27.38 -14.06
C ILE B 243 -20.34 26.84 -14.88
N CYS B 244 -20.39 25.57 -15.32
CA CYS B 244 -19.39 25.06 -16.26
C CYS B 244 -19.47 25.80 -17.60
N GLN B 245 -20.70 25.96 -18.09
CA GLN B 245 -20.94 26.68 -19.35
C GLN B 245 -20.44 28.12 -19.28
N GLU B 246 -20.92 28.85 -18.27
CA GLU B 246 -20.52 30.25 -18.03
C GLU B 246 -19.03 30.41 -17.93
N TRP B 247 -18.37 29.56 -17.16
CA TRP B 247 -16.92 29.65 -17.05
C TRP B 247 -16.23 29.29 -18.38
N THR B 248 -16.71 28.25 -19.05
CA THR B 248 -16.18 27.89 -20.37
C THR B 248 -16.28 29.08 -21.35
N ASN B 249 -17.45 29.71 -21.38
CA ASN B 249 -17.67 30.92 -22.14
C ASN B 249 -16.59 31.97 -21.86
N PHE B 250 -16.39 32.29 -20.57
CA PHE B 250 -15.45 33.31 -20.13
C PHE B 250 -13.99 33.03 -20.55
N ILE B 251 -13.58 31.77 -20.42
CA ILE B 251 -12.24 31.37 -20.87
C ILE B 251 -12.06 31.59 -22.39
N MET B 252 -13.08 31.23 -23.18
CA MET B 252 -13.02 31.42 -24.64
C MET B 252 -13.00 32.88 -25.09
N LYS B 253 -13.77 33.73 -24.44
CA LYS B 253 -13.71 35.17 -24.66
C LYS B 253 -12.39 35.80 -24.21
N SER B 254 -11.64 35.09 -23.39
CA SER B 254 -10.36 35.57 -22.85
C SER B 254 -9.18 35.01 -23.64
N GLU B 255 -9.45 34.34 -24.76
CA GLU B 255 -8.39 33.62 -25.45
C GLU B 255 -7.36 34.52 -26.11
N ASP B 256 -7.76 35.74 -26.48
CA ASP B 256 -6.84 36.75 -26.98
C ASP B 256 -5.87 37.15 -25.87
N TYR B 257 -6.40 37.40 -24.67
CA TYR B 257 -5.55 37.67 -23.51
C TYR B 257 -4.65 36.47 -23.20
N LEU B 258 -5.22 35.26 -23.25
CA LEU B 258 -4.46 34.07 -22.88
C LEU B 258 -3.30 33.82 -23.86
N SER B 259 -3.51 34.14 -25.14
CA SER B 259 -2.44 34.19 -26.15
C SER B 259 -1.32 35.15 -25.80
N SER B 260 -1.68 36.37 -25.39
CA SER B 260 -0.70 37.42 -25.12
C SER B 260 0.22 37.11 -23.94
N ILE B 261 -0.22 36.23 -23.04
CA ILE B 261 0.61 35.86 -21.90
C ILE B 261 1.23 34.46 -22.06
N SER B 262 1.09 33.90 -23.26
CA SER B 262 1.73 32.63 -23.63
C SER B 262 3.07 32.87 -24.34
N GLU B 263 3.92 31.85 -24.36
CA GLU B 263 5.15 31.88 -25.15
C GLU B 263 5.01 31.05 -26.41
N PRO C 14 -14.40 -47.49 -9.28
CA PRO C 14 -14.26 -47.14 -7.88
C PRO C 14 -14.78 -45.72 -7.59
N GLY C 15 -13.88 -44.74 -7.59
CA GLY C 15 -14.24 -43.34 -7.43
C GLY C 15 -15.01 -42.80 -8.63
N LEU C 16 -14.81 -43.42 -9.78
CA LEU C 16 -15.46 -43.03 -11.02
C LEU C 16 -16.96 -43.29 -11.00
N ALA C 17 -17.38 -44.38 -10.35
CA ALA C 17 -18.78 -44.78 -10.29
C ALA C 17 -19.64 -43.79 -9.48
N GLU C 18 -19.09 -43.31 -8.37
CA GLU C 18 -19.79 -42.37 -7.49
C GLU C 18 -19.88 -40.99 -8.14
N LEU C 19 -18.81 -40.60 -8.84
CA LEU C 19 -18.76 -39.32 -9.56
C LEU C 19 -19.83 -39.27 -10.66
N ARG C 20 -19.96 -40.37 -11.41
CA ARG C 20 -20.94 -40.50 -12.48
C ARG C 20 -22.38 -40.45 -11.96
N ARG C 21 -22.61 -41.06 -10.79
CA ARG C 21 -23.91 -40.97 -10.10
C ARG C 21 -24.29 -39.52 -9.84
N ARG C 22 -23.41 -38.80 -9.13
CA ARG C 22 -23.61 -37.39 -8.78
C ARG C 22 -23.83 -36.52 -10.02
N VAL C 23 -23.09 -36.82 -11.09
CA VAL C 23 -23.19 -36.12 -12.37
C VAL C 23 -24.59 -36.24 -12.98
N GLN C 24 -25.16 -37.44 -12.91
CA GLN C 24 -26.51 -37.71 -13.40
C GLN C 24 -27.56 -37.10 -12.45
N GLU C 25 -27.27 -37.14 -11.16
CA GLU C 25 -28.19 -36.66 -10.13
C GLU C 25 -28.30 -35.13 -10.09
N ALA C 26 -27.17 -34.45 -10.18
CA ALA C 26 -27.12 -32.99 -10.04
C ALA C 26 -27.55 -32.23 -11.30
N GLY C 27 -27.75 -32.96 -12.40
CA GLY C 27 -28.08 -32.37 -13.69
C GLY C 27 -26.94 -31.61 -14.35
N VAL C 28 -25.70 -32.08 -14.14
CA VAL C 28 -24.50 -31.52 -14.79
C VAL C 28 -24.74 -31.44 -16.30
N PRO C 29 -24.48 -30.27 -16.92
CA PRO C 29 -24.68 -30.12 -18.37
C PRO C 29 -24.01 -31.23 -19.20
N GLN C 30 -24.77 -31.75 -20.15
CA GLN C 30 -24.35 -32.91 -20.95
C GLN C 30 -23.67 -32.48 -22.25
N THR C 31 -23.71 -31.18 -22.53
CA THR C 31 -23.08 -30.54 -23.69
C THR C 31 -22.43 -29.22 -23.21
N PRO C 32 -21.47 -28.66 -23.98
CA PRO C 32 -20.93 -29.21 -25.24
C PRO C 32 -20.02 -30.42 -25.05
N GLN C 33 -19.29 -30.50 -23.93
CA GLN C 33 -18.37 -31.61 -23.71
C GLN C 33 -19.14 -32.85 -23.26
N PRO C 34 -18.95 -33.97 -23.99
CA PRO C 34 -19.60 -35.24 -23.60
C PRO C 34 -19.09 -35.71 -22.25
N LEU C 35 -20.00 -36.17 -21.38
CA LEU C 35 -19.60 -36.65 -20.07
C LEU C 35 -19.07 -38.10 -20.12
N THR C 36 -18.00 -38.32 -20.87
CA THR C 36 -17.37 -39.67 -20.96
C THR C 36 -16.59 -39.97 -19.68
N ASP C 37 -16.24 -41.25 -19.51
CA ASP C 37 -15.34 -41.71 -18.46
C ASP C 37 -14.02 -40.92 -18.50
N ALA C 38 -13.50 -40.65 -19.70
CA ALA C 38 -12.26 -39.90 -19.88
C ALA C 38 -12.39 -38.44 -19.42
N PHE C 39 -13.53 -37.82 -19.75
CA PHE C 39 -13.81 -36.47 -19.26
C PHE C 39 -13.82 -36.41 -17.74
N LEU C 40 -14.55 -37.34 -17.11
CA LEU C 40 -14.64 -37.37 -15.64
C LEU C 40 -13.28 -37.65 -15.00
N LEU C 41 -12.46 -38.46 -15.67
CA LEU C 41 -11.12 -38.82 -15.17
C LEU C 41 -10.19 -37.61 -15.04
N ARG C 42 -10.35 -36.61 -15.93
CA ARG C 42 -9.64 -35.32 -15.78
C ARG C 42 -9.77 -34.74 -14.36
N PHE C 43 -10.99 -34.79 -13.83
CA PHE C 43 -11.30 -34.24 -12.51
C PHE C 43 -10.77 -35.10 -11.38
N LEU C 44 -10.92 -36.42 -11.51
CA LEU C 44 -10.33 -37.36 -10.55
C LEU C 44 -8.81 -37.24 -10.49
N ARG C 45 -8.15 -37.27 -11.65
CA ARG C 45 -6.70 -37.08 -11.73
C ARG C 45 -6.15 -35.73 -11.23
N ALA C 46 -6.94 -34.67 -11.40
CA ALA C 46 -6.54 -33.35 -10.94
C ALA C 46 -6.52 -33.26 -9.42
N ARG C 47 -7.26 -34.16 -8.77
CA ARG C 47 -7.35 -34.20 -7.30
C ARG C 47 -6.96 -35.58 -6.74
N ASP C 48 -6.11 -36.29 -7.47
CA ASP C 48 -5.58 -37.62 -7.06
C ASP C 48 -6.66 -38.59 -6.56
N PHE C 49 -7.76 -38.65 -7.30
CA PHE C 49 -8.85 -39.62 -7.03
C PHE C 49 -9.62 -39.44 -5.72
N ASP C 50 -9.42 -38.30 -5.06
CA ASP C 50 -10.23 -37.90 -3.93
C ASP C 50 -11.56 -37.40 -4.48
N LEU C 51 -12.62 -38.18 -4.23
CA LEU C 51 -13.94 -37.95 -4.82
C LEU C 51 -14.58 -36.64 -4.41
N ASP C 52 -14.49 -36.30 -3.12
CA ASP C 52 -15.02 -35.03 -2.64
C ASP C 52 -14.35 -33.85 -3.33
N LEU C 53 -13.02 -33.89 -3.44
CA LEU C 53 -12.25 -32.82 -4.09
C LEU C 53 -12.54 -32.72 -5.59
N ALA C 54 -12.65 -33.88 -6.26
CA ALA C 54 -12.95 -33.96 -7.69
C ALA C 54 -14.35 -33.45 -8.04
N TRP C 55 -15.32 -33.76 -7.18
CA TRP C 55 -16.70 -33.35 -7.38
C TRP C 55 -16.84 -31.85 -7.14
N ARG C 56 -16.15 -31.36 -6.11
CA ARG C 56 -16.09 -29.94 -5.82
C ARG C 56 -15.50 -29.20 -7.03
N LEU C 57 -14.37 -29.71 -7.53
CA LEU C 57 -13.71 -29.16 -8.72
C LEU C 57 -14.67 -29.13 -9.92
N MET C 58 -15.36 -30.24 -10.15
CA MET C 58 -16.31 -30.32 -11.26
C MET C 58 -17.42 -29.29 -11.15
N LYS C 59 -18.04 -29.22 -9.98
CA LYS C 59 -19.00 -28.18 -9.69
C LYS C 59 -18.45 -26.78 -9.94
N ASN C 60 -17.23 -26.50 -9.47
CA ASN C 60 -16.64 -25.18 -9.66
C ASN C 60 -16.38 -24.89 -11.14
N TYR C 61 -16.01 -25.93 -11.88
CA TYR C 61 -15.72 -25.80 -13.29
C TYR C 61 -16.97 -25.33 -14.03
N TYR C 62 -18.09 -26.01 -13.81
CA TYR C 62 -19.31 -25.63 -14.51
C TYR C 62 -19.83 -24.26 -14.05
N LYS C 63 -19.70 -23.99 -12.74
CA LYS C 63 -20.07 -22.71 -12.17
C LYS C 63 -19.24 -21.59 -12.80
N TRP C 64 -17.93 -21.81 -12.93
CA TRP C 64 -17.04 -20.86 -13.57
C TRP C 64 -17.45 -20.58 -15.02
N ARG C 65 -17.80 -21.63 -15.75
CA ARG C 65 -18.25 -21.49 -17.15
C ARG C 65 -19.53 -20.64 -17.28
N ALA C 66 -20.50 -20.87 -16.39
CA ALA C 66 -21.82 -20.22 -16.47
C ALA C 66 -21.76 -18.74 -16.07
N GLU C 67 -20.82 -18.41 -15.19
CA GLU C 67 -20.61 -17.04 -14.75
C GLU C 67 -19.76 -16.25 -15.74
N CYS C 68 -18.95 -16.97 -16.53
CA CYS C 68 -18.02 -16.37 -17.48
C CYS C 68 -18.26 -16.79 -18.93
N PRO C 69 -19.53 -16.77 -19.43
CA PRO C 69 -19.75 -17.38 -20.76
C PRO C 69 -19.03 -16.66 -21.90
N GLU C 70 -18.68 -15.39 -21.67
CA GLU C 70 -17.85 -14.60 -22.60
C GLU C 70 -16.43 -15.17 -22.80
N LEU C 71 -15.97 -15.93 -21.81
CA LEU C 71 -14.70 -16.66 -21.85
C LEU C 71 -14.85 -18.14 -22.22
N SER C 72 -15.87 -18.78 -21.66
CA SER C 72 -15.99 -20.24 -21.68
C SER C 72 -16.76 -20.78 -22.89
N ALA C 73 -17.66 -19.98 -23.44
CA ALA C 73 -18.57 -20.48 -24.47
C ALA C 73 -17.87 -20.79 -25.80
N ASP C 74 -16.82 -20.02 -26.10
CA ASP C 74 -16.20 -20.05 -27.41
C ASP C 74 -14.72 -20.35 -27.28
N LEU C 75 -14.33 -21.54 -27.74
CA LEU C 75 -12.93 -21.92 -27.73
C LEU C 75 -12.35 -22.00 -29.13
N ARG C 76 -13.10 -21.47 -30.10
CA ARG C 76 -12.62 -21.45 -31.48
C ARG C 76 -11.43 -20.51 -31.58
N PRO C 77 -10.33 -20.94 -32.22
CA PRO C 77 -9.11 -20.12 -32.17
C PRO C 77 -9.01 -18.97 -33.18
N ARG C 78 -9.86 -18.94 -34.21
CA ARG C 78 -9.69 -17.90 -35.25
C ARG C 78 -9.66 -16.48 -34.67
N SER C 79 -10.50 -16.22 -33.68
CA SER C 79 -10.56 -14.89 -33.07
C SER C 79 -9.22 -14.47 -32.41
N ILE C 80 -8.42 -15.44 -31.98
CA ILE C 80 -7.15 -15.10 -31.35
C ILE C 80 -5.89 -15.48 -32.14
N LEU C 81 -6.07 -15.94 -33.38
CA LEU C 81 -4.92 -16.27 -34.26
C LEU C 81 -3.88 -15.14 -34.37
N GLY C 82 -4.36 -13.90 -34.40
CA GLY C 82 -3.47 -12.71 -34.46
C GLY C 82 -2.49 -12.64 -33.30
N LEU C 83 -2.95 -13.00 -32.11
CA LEU C 83 -2.12 -13.05 -30.91
C LEU C 83 -1.06 -14.18 -30.97
N LEU C 84 -1.48 -15.36 -31.44
CA LEU C 84 -0.60 -16.50 -31.68
C LEU C 84 0.46 -16.17 -32.73
N LYS C 85 0.02 -15.56 -33.83
CA LYS C 85 0.95 -15.18 -34.89
C LYS C 85 1.94 -14.13 -34.41
N ALA C 86 1.52 -13.28 -33.48
CA ALA C 86 2.41 -12.25 -32.96
C ALA C 86 3.54 -12.83 -32.07
N GLY C 87 3.39 -14.05 -31.58
CA GLY C 87 4.44 -14.65 -30.73
C GLY C 87 4.17 -14.61 -29.23
N TYR C 88 2.93 -14.38 -28.86
CA TYR C 88 2.53 -14.30 -27.46
C TYR C 88 2.76 -15.61 -26.67
N HIS C 89 2.60 -16.77 -27.34
CA HIS C 89 2.45 -18.01 -26.62
C HIS C 89 3.02 -19.22 -27.36
N GLY C 90 3.79 -20.02 -26.63
CA GLY C 90 4.37 -21.27 -27.15
C GLY C 90 4.41 -22.35 -26.07
N VAL C 91 4.46 -23.61 -26.51
CA VAL C 91 4.58 -24.75 -25.59
C VAL C 91 5.90 -25.48 -25.89
N LEU C 92 6.64 -25.80 -24.84
CA LEU C 92 7.90 -26.53 -24.97
C LEU C 92 7.64 -27.90 -25.57
N ARG C 93 8.51 -28.30 -26.49
CA ARG C 93 8.45 -29.61 -27.12
C ARG C 93 8.51 -30.76 -26.10
N SER C 94 9.29 -30.57 -25.04
CA SER C 94 9.48 -31.59 -24.00
C SER C 94 8.71 -31.23 -22.73
N ARG C 95 8.28 -32.26 -22.01
CA ARG C 95 7.84 -32.09 -20.63
C ARG C 95 9.04 -31.78 -19.73
N ASP C 96 8.82 -31.28 -18.52
CA ASP C 96 9.93 -31.12 -17.59
C ASP C 96 10.27 -32.46 -16.91
N SER C 97 11.24 -32.45 -16.00
CA SER C 97 11.69 -33.68 -15.30
C SER C 97 10.58 -34.43 -14.55
N THR C 98 9.57 -33.69 -14.06
CA THR C 98 8.42 -34.30 -13.37
C THR C 98 7.27 -34.70 -14.29
N GLY C 99 7.46 -34.56 -15.60
CA GLY C 99 6.40 -34.87 -16.58
C GLY C 99 5.40 -33.72 -16.88
N SER C 100 5.63 -32.55 -16.30
CA SER C 100 4.70 -31.43 -16.52
C SER C 100 4.79 -30.84 -17.92
N ARG C 101 3.65 -30.46 -18.48
CA ARG C 101 3.64 -29.63 -19.68
C ARG C 101 4.15 -28.22 -19.29
N VAL C 102 4.99 -27.59 -20.10
CA VAL C 102 5.56 -26.28 -19.79
C VAL C 102 5.13 -25.24 -20.86
N LEU C 103 4.47 -24.17 -20.41
CA LEU C 103 3.86 -23.15 -21.27
C LEU C 103 4.59 -21.83 -21.08
N ILE C 104 4.75 -21.09 -22.17
CA ILE C 104 5.43 -19.81 -22.14
C ILE C 104 4.52 -18.74 -22.73
N TYR C 105 4.38 -17.67 -21.96
CA TYR C 105 3.64 -16.49 -22.32
C TYR C 105 4.58 -15.28 -22.29
N ARG C 106 4.54 -14.50 -23.36
CA ARG C 106 5.36 -13.29 -23.54
C ARG C 106 4.49 -12.04 -23.71
N ILE C 107 4.40 -11.29 -22.62
CA ILE C 107 3.64 -10.06 -22.53
C ILE C 107 4.02 -9.03 -23.61
N ALA C 108 5.29 -9.02 -24.01
CA ALA C 108 5.74 -8.09 -25.06
C ALA C 108 4.94 -8.24 -26.34
N TYR C 109 4.43 -9.46 -26.61
CA TYR C 109 3.77 -9.72 -27.88
C TYR C 109 2.25 -9.71 -27.73
N TRP C 110 1.79 -9.23 -26.58
CA TRP C 110 0.38 -8.95 -26.42
C TRP C 110 0.18 -7.46 -26.65
N ASP C 111 -0.43 -7.11 -27.77
CA ASP C 111 -0.79 -5.71 -28.04
C ASP C 111 -2.14 -5.43 -27.35
N PRO C 112 -2.13 -4.69 -26.22
CA PRO C 112 -3.36 -4.50 -25.45
C PRO C 112 -4.36 -3.50 -26.08
N LYS C 113 -3.96 -2.80 -27.12
CA LYS C 113 -4.91 -2.04 -27.91
C LYS C 113 -5.77 -2.93 -28.84
N VAL C 114 -5.21 -4.08 -29.26
CA VAL C 114 -5.89 -4.94 -30.24
C VAL C 114 -6.63 -6.11 -29.55
N PHE C 115 -6.01 -6.69 -28.54
CA PHE C 115 -6.56 -7.82 -27.79
C PHE C 115 -6.76 -7.45 -26.32
N THR C 116 -7.95 -7.75 -25.81
CA THR C 116 -8.27 -7.51 -24.42
C THR C 116 -7.65 -8.60 -23.58
N ALA C 117 -7.66 -8.41 -22.27
CA ALA C 117 -7.28 -9.43 -21.32
C ALA C 117 -8.12 -10.70 -21.53
N TYR C 118 -9.37 -10.55 -21.95
CA TYR C 118 -10.26 -11.68 -22.21
C TYR C 118 -9.81 -12.51 -23.41
N ASP C 119 -9.40 -11.85 -24.49
CA ASP C 119 -8.76 -12.50 -25.65
C ASP C 119 -7.55 -13.31 -25.20
N VAL C 120 -6.66 -12.68 -24.46
CA VAL C 120 -5.44 -13.30 -23.95
C VAL C 120 -5.78 -14.50 -23.03
N PHE C 121 -6.81 -14.33 -22.19
CA PHE C 121 -7.23 -15.40 -21.28
C PHE C 121 -7.75 -16.58 -22.09
N ARG C 122 -8.44 -16.30 -23.20
CA ARG C 122 -8.98 -17.35 -24.07
C ARG C 122 -7.90 -18.25 -24.67
N VAL C 123 -6.74 -17.68 -25.00
CA VAL C 123 -5.58 -18.43 -25.43
C VAL C 123 -5.18 -19.50 -24.40
N SER C 124 -5.09 -19.11 -23.12
CA SER C 124 -4.81 -20.08 -22.06
C SER C 124 -5.92 -21.13 -21.91
N LEU C 125 -7.18 -20.72 -22.03
CA LEU C 125 -8.30 -21.69 -22.06
C LEU C 125 -8.17 -22.68 -23.21
N ILE C 126 -7.80 -22.17 -24.38
CA ILE C 126 -7.63 -23.01 -25.56
C ILE C 126 -6.47 -24.01 -25.34
N THR C 127 -5.31 -23.50 -24.92
CA THR C 127 -4.17 -24.37 -24.64
C THR C 127 -4.53 -25.42 -23.59
N SER C 128 -5.19 -25.00 -22.51
CA SER C 128 -5.56 -25.90 -21.40
C SER C 128 -6.52 -27.02 -21.84
N GLU C 129 -7.54 -26.67 -22.62
CA GLU C 129 -8.46 -27.69 -23.13
C GLU C 129 -7.78 -28.67 -24.10
N LEU C 130 -6.70 -28.23 -24.74
CA LEU C 130 -5.95 -29.12 -25.59
C LEU C 130 -5.05 -30.07 -24.78
N ILE C 131 -4.31 -29.53 -23.80
CA ILE C 131 -3.36 -30.38 -23.09
C ILE C 131 -4.02 -31.27 -22.01
N VAL C 132 -5.15 -30.86 -21.46
CA VAL C 132 -5.83 -31.68 -20.46
C VAL C 132 -6.26 -33.04 -21.05
N GLN C 133 -6.27 -33.15 -22.37
CA GLN C 133 -6.60 -34.43 -23.02
C GLN C 133 -5.49 -35.46 -22.85
N GLU C 134 -4.27 -34.99 -22.55
CA GLU C 134 -3.10 -35.85 -22.40
C GLU C 134 -3.09 -36.44 -21.00
N VAL C 135 -3.04 -37.77 -20.93
CA VAL C 135 -3.04 -38.46 -19.66
C VAL C 135 -1.88 -38.01 -18.75
N GLU C 136 -0.68 -37.86 -19.33
CA GLU C 136 0.48 -37.45 -18.54
C GLU C 136 0.37 -36.01 -18.00
N THR C 137 -0.36 -35.17 -18.73
CA THR C 137 -0.67 -33.80 -18.29
C THR C 137 -1.67 -33.84 -17.16
N GLN C 138 -2.70 -34.71 -17.26
CA GLN C 138 -3.65 -34.85 -16.15
C GLN C 138 -2.92 -35.30 -14.88
N ARG C 139 -1.93 -36.18 -15.05
CA ARG C 139 -1.20 -36.77 -13.93
C ARG C 139 -0.17 -35.80 -13.34
N ASN C 140 0.56 -35.10 -14.21
CA ASN C 140 1.73 -34.30 -13.80
C ASN C 140 1.54 -32.77 -13.86
N GLY C 141 0.36 -32.33 -14.28
CA GLY C 141 0.01 -30.90 -14.27
C GLY C 141 0.81 -30.06 -15.23
N VAL C 142 0.74 -28.74 -15.04
CA VAL C 142 1.43 -27.80 -15.90
C VAL C 142 2.32 -26.86 -15.11
N LYS C 143 3.37 -26.39 -15.78
CA LYS C 143 4.12 -25.21 -15.33
C LYS C 143 3.98 -24.10 -16.38
N ALA C 144 3.82 -22.86 -15.93
CA ALA C 144 3.72 -21.74 -16.85
C ALA C 144 4.77 -20.70 -16.53
N ILE C 145 5.43 -20.22 -17.58
CA ILE C 145 6.44 -19.18 -17.51
C ILE C 145 5.84 -17.93 -18.15
N PHE C 146 5.85 -16.81 -17.43
CA PHE C 146 5.41 -15.53 -17.98
C PHE C 146 6.60 -14.62 -18.04
N ASP C 147 7.00 -14.28 -19.26
CA ASP C 147 8.06 -13.30 -19.49
C ASP C 147 7.41 -11.92 -19.54
N LEU C 148 7.64 -11.13 -18.50
CA LEU C 148 7.02 -9.81 -18.37
C LEU C 148 7.83 -8.64 -18.93
N GLU C 149 8.86 -8.93 -19.72
CA GLU C 149 9.60 -7.88 -20.41
C GLU C 149 8.66 -7.13 -21.37
N GLY C 150 8.57 -5.82 -21.22
CA GLY C 150 7.69 -5.00 -22.07
C GLY C 150 6.31 -4.82 -21.49
N TRP C 151 6.14 -5.19 -20.22
CA TRP C 151 4.96 -4.86 -19.45
C TRP C 151 4.73 -3.34 -19.55
N GLN C 152 3.53 -2.94 -19.96
CA GLN C 152 3.16 -1.53 -20.09
C GLN C 152 2.04 -1.27 -19.11
N VAL C 153 1.81 0.00 -18.81
CA VAL C 153 0.64 0.41 -18.05
C VAL C 153 -0.66 -0.06 -18.74
N SER C 154 -0.68 -0.05 -20.06
CA SER C 154 -1.84 -0.52 -20.81
C SER C 154 -2.18 -1.98 -20.56
N HIS C 155 -1.19 -2.81 -20.23
CA HIS C 155 -1.47 -4.18 -19.78
C HIS C 155 -2.16 -4.15 -18.41
N ALA C 156 -1.60 -3.40 -17.45
CA ALA C 156 -2.13 -3.35 -16.09
C ALA C 156 -3.60 -2.90 -16.04
N PHE C 157 -3.94 -1.93 -16.90
CA PHE C 157 -5.33 -1.44 -17.05
C PHE C 157 -6.32 -2.52 -17.46
N GLN C 158 -5.84 -3.51 -18.20
CA GLN C 158 -6.65 -4.65 -18.65
C GLN C 158 -6.94 -5.62 -17.51
N ILE C 159 -6.07 -5.62 -16.51
CA ILE C 159 -6.21 -6.57 -15.40
C ILE C 159 -7.06 -5.91 -14.32
N THR C 160 -8.36 -5.95 -14.52
CA THR C 160 -9.30 -5.46 -13.54
C THR C 160 -9.38 -6.46 -12.38
N PRO C 161 -10.05 -6.07 -11.28
CA PRO C 161 -10.32 -7.01 -10.19
C PRO C 161 -11.10 -8.21 -10.69
N SER C 162 -12.05 -7.96 -11.59
CA SER C 162 -12.85 -8.99 -12.24
C SER C 162 -11.95 -10.05 -12.92
N VAL C 163 -11.00 -9.57 -13.73
CA VAL C 163 -10.01 -10.44 -14.37
C VAL C 163 -9.14 -11.16 -13.34
N ALA C 164 -8.69 -10.44 -12.31
CA ALA C 164 -7.87 -11.02 -11.25
C ALA C 164 -8.56 -12.20 -10.55
N LYS C 165 -9.84 -12.03 -10.24
CA LYS C 165 -10.65 -13.11 -9.65
C LYS C 165 -10.75 -14.35 -10.56
N LYS C 166 -10.92 -14.13 -11.87
CA LYS C 166 -10.96 -15.23 -12.83
C LYS C 166 -9.63 -15.99 -12.90
N ILE C 167 -8.52 -15.25 -12.89
CA ILE C 167 -7.18 -15.84 -12.88
C ILE C 167 -6.95 -16.68 -11.62
N ALA C 168 -7.35 -16.15 -10.48
CA ALA C 168 -7.24 -16.87 -9.22
C ALA C 168 -8.07 -18.16 -9.24
N ALA C 169 -9.29 -18.11 -9.77
CA ALA C 169 -10.18 -19.26 -9.79
C ALA C 169 -9.57 -20.41 -10.62
N VAL C 170 -9.13 -20.06 -11.82
CA VAL C 170 -8.57 -20.99 -12.81
C VAL C 170 -7.26 -21.63 -12.33
N LEU C 171 -6.50 -20.88 -11.53
CA LEU C 171 -5.27 -21.40 -10.95
C LEU C 171 -5.50 -22.28 -9.72
N THR C 172 -6.70 -22.20 -9.11
CA THR C 172 -6.94 -22.86 -7.82
C THR C 172 -7.94 -24.02 -7.84
N ASP C 173 -9.23 -23.74 -7.99
CA ASP C 173 -10.24 -24.80 -7.91
C ASP C 173 -11.35 -24.76 -8.95
N SER C 174 -11.08 -24.20 -10.12
CA SER C 174 -12.11 -24.10 -11.17
C SER C 174 -11.75 -24.69 -12.53
N PHE C 175 -10.55 -25.26 -12.68
CA PHE C 175 -10.18 -25.92 -13.93
C PHE C 175 -9.41 -27.19 -13.61
N PRO C 176 -9.76 -28.32 -14.31
CA PRO C 176 -9.12 -29.60 -14.00
C PRO C 176 -7.71 -29.77 -14.58
N LEU C 177 -6.78 -28.93 -14.11
CA LEU C 177 -5.35 -29.03 -14.38
C LEU C 177 -4.61 -28.60 -13.12
N LYS C 178 -3.70 -29.45 -12.67
CA LYS C 178 -2.85 -29.16 -11.53
C LYS C 178 -1.81 -28.16 -11.94
N VAL C 179 -1.73 -27.07 -11.20
CA VAL C 179 -0.71 -26.09 -11.52
C VAL C 179 0.45 -26.43 -10.59
N ARG C 180 1.57 -26.83 -11.18
CA ARG C 180 2.70 -27.26 -10.38
C ARG C 180 3.76 -26.18 -10.21
N GLY C 181 3.64 -25.09 -10.96
CA GLY C 181 4.60 -24.01 -10.87
C GLY C 181 4.28 -22.83 -11.78
N ILE C 182 4.44 -21.63 -11.24
CA ILE C 182 4.26 -20.38 -11.98
C ILE C 182 5.58 -19.61 -11.87
N HIS C 183 6.19 -19.36 -13.02
CA HIS C 183 7.48 -18.70 -13.10
C HIS C 183 7.31 -17.34 -13.78
N LEU C 184 7.75 -16.28 -13.10
CA LEU C 184 7.81 -14.98 -13.74
C LEU C 184 9.26 -14.59 -13.91
N ILE C 185 9.59 -14.13 -15.12
CA ILE C 185 10.90 -13.57 -15.41
C ILE C 185 10.71 -12.15 -15.95
N ASN C 186 11.68 -11.29 -15.66
CA ASN C 186 11.66 -9.88 -16.05
C ASN C 186 10.47 -9.09 -15.49
N GLU C 187 10.01 -9.46 -14.30
CA GLU C 187 8.84 -8.79 -13.71
C GLU C 187 9.22 -7.40 -13.22
N PRO C 188 8.32 -6.43 -13.42
CA PRO C 188 8.64 -5.13 -12.83
C PRO C 188 8.59 -5.20 -11.31
N VAL C 189 9.29 -4.26 -10.69
CA VAL C 189 9.41 -4.12 -9.25
C VAL C 189 8.08 -4.23 -8.51
N ILE C 190 7.06 -3.59 -9.05
CA ILE C 190 5.71 -3.56 -8.44
C ILE C 190 5.08 -4.94 -8.26
N PHE C 191 5.32 -5.87 -9.18
CA PHE C 191 4.89 -7.26 -9.02
C PHE C 191 5.57 -7.84 -7.78
N HIS C 192 6.88 -7.66 -7.74
CA HIS C 192 7.71 -8.21 -6.69
C HIS C 192 7.37 -7.54 -5.36
N ALA C 193 7.24 -6.21 -5.38
CA ALA C 193 6.91 -5.42 -4.20
C ALA C 193 5.62 -5.88 -3.53
N VAL C 194 4.51 -5.93 -4.29
CA VAL C 194 3.22 -6.42 -3.76
C VAL C 194 3.26 -7.89 -3.38
N PHE C 195 3.76 -8.75 -4.26
CA PHE C 195 3.88 -10.20 -3.98
C PHE C 195 4.61 -10.48 -2.65
N SER C 196 5.62 -9.68 -2.32
CA SER C 196 6.33 -9.76 -1.04
C SER C 196 5.41 -9.47 0.15
N MET C 197 4.38 -8.65 -0.08
CA MET C 197 3.34 -8.36 0.93
C MET C 197 2.33 -9.51 0.99
N ILE C 198 2.16 -10.22 -0.13
CA ILE C 198 1.19 -11.33 -0.23
C ILE C 198 1.82 -12.69 0.16
N LYS C 199 3.11 -12.85 -0.14
CA LYS C 199 3.94 -13.98 0.28
C LYS C 199 3.62 -14.56 1.67
N PRO C 200 3.69 -13.74 2.74
CA PRO C 200 3.59 -14.34 4.08
C PRO C 200 2.21 -14.94 4.42
N PHE C 201 1.20 -14.66 3.61
CA PHE C 201 -0.17 -15.10 3.87
C PHE C 201 -0.55 -16.35 3.07
N LEU C 202 0.35 -16.77 2.17
CA LEU C 202 0.17 -17.99 1.41
C LEU C 202 0.67 -19.19 2.20
N THR C 203 0.17 -20.38 1.82
CA THR C 203 0.60 -21.62 2.45
C THR C 203 2.01 -22.00 1.99
N GLU C 204 2.68 -22.85 2.75
CA GLU C 204 4.04 -23.28 2.47
C GLU C 204 4.19 -23.97 1.11
N LYS C 205 3.30 -24.92 0.81
CA LYS C 205 3.28 -25.63 -0.47
C LYS C 205 3.06 -24.70 -1.65
N ILE C 206 2.14 -23.74 -1.48
CA ILE C 206 1.76 -22.81 -2.55
C ILE C 206 2.88 -21.82 -2.88
N LYS C 207 3.51 -21.31 -1.82
CA LYS C 207 4.66 -20.42 -1.92
C LYS C 207 5.82 -21.06 -2.68
N ASP C 208 6.03 -22.36 -2.47
CA ASP C 208 7.08 -23.09 -3.20
C ASP C 208 6.72 -23.38 -4.67
N ARG C 209 5.55 -22.91 -5.11
CA ARG C 209 5.13 -23.08 -6.51
C ARG C 209 5.17 -21.79 -7.32
N ILE C 210 5.51 -20.69 -6.66
CA ILE C 210 5.60 -19.38 -7.31
C ILE C 210 7.02 -18.86 -7.31
N HIS C 211 7.53 -18.50 -8.48
CA HIS C 211 8.94 -18.19 -8.64
C HIS C 211 9.10 -16.90 -9.44
N LEU C 212 9.68 -15.87 -8.81
CA LEU C 212 9.99 -14.62 -9.48
C LEU C 212 11.48 -14.54 -9.73
N HIS C 213 11.90 -14.73 -10.98
CA HIS C 213 13.32 -14.84 -11.31
C HIS C 213 14.04 -13.51 -11.53
N GLY C 214 13.28 -12.44 -11.75
CA GLY C 214 13.82 -11.13 -12.05
C GLY C 214 14.48 -11.03 -13.41
N ASN C 215 15.34 -10.01 -13.53
CA ASN C 215 16.10 -9.70 -14.74
C ASN C 215 17.25 -10.68 -15.01
N ASN C 216 17.86 -11.19 -13.94
CA ASN C 216 18.93 -12.17 -14.08
C ASN C 216 18.41 -13.53 -13.71
N TYR C 217 17.83 -14.19 -14.72
CA TYR C 217 17.05 -15.40 -14.53
C TYR C 217 17.69 -16.63 -15.16
N LYS C 218 18.71 -16.44 -15.99
CA LYS C 218 19.19 -17.53 -16.85
C LYS C 218 19.61 -18.78 -16.08
N SER C 219 20.42 -18.61 -15.03
CA SER C 219 20.90 -19.75 -14.24
C SER C 219 19.78 -20.49 -13.48
N SER C 220 18.95 -19.75 -12.76
CA SER C 220 17.85 -20.37 -12.00
C SER C 220 16.78 -21.03 -12.88
N MET C 221 16.57 -20.50 -14.08
CA MET C 221 15.67 -21.12 -15.05
C MET C 221 16.27 -22.41 -15.63
N LEU C 222 17.57 -22.38 -15.91
CA LEU C 222 18.28 -23.60 -16.34
C LEU C 222 18.22 -24.71 -15.30
N GLN C 223 18.07 -24.33 -14.03
CA GLN C 223 17.94 -25.28 -12.93
C GLN C 223 16.62 -26.04 -12.95
N HIS C 224 15.52 -25.31 -13.18
CA HIS C 224 14.20 -25.92 -13.18
C HIS C 224 13.93 -26.66 -14.48
N PHE C 225 14.49 -26.16 -15.58
CA PHE C 225 14.23 -26.71 -16.90
C PHE C 225 15.52 -26.94 -17.70
N PRO C 226 16.33 -27.96 -17.30
CA PRO C 226 17.56 -28.23 -18.06
C PRO C 226 17.29 -28.85 -19.44
N ASP C 227 18.06 -28.39 -20.44
CA ASP C 227 18.03 -28.92 -21.83
C ASP C 227 16.69 -28.88 -22.58
N ILE C 228 15.70 -28.15 -22.07
CA ILE C 228 14.39 -28.08 -22.72
C ILE C 228 13.91 -26.68 -23.11
N LEU C 229 14.62 -25.64 -22.68
CA LEU C 229 14.22 -24.24 -22.94
C LEU C 229 14.70 -23.72 -24.30
N PRO C 230 14.00 -22.72 -24.87
CA PRO C 230 14.53 -22.11 -26.09
C PRO C 230 15.81 -21.34 -25.84
N ARG C 231 16.51 -20.97 -26.91
CA ARG C 231 17.74 -20.17 -26.82
C ARG C 231 17.57 -18.92 -25.97
N GLU C 232 16.43 -18.22 -26.13
CA GLU C 232 16.17 -16.96 -25.44
C GLU C 232 16.30 -17.03 -23.93
N TYR C 233 15.92 -18.17 -23.35
CA TYR C 233 15.93 -18.34 -21.90
C TYR C 233 17.04 -19.27 -21.36
N GLY C 234 18.00 -19.62 -22.22
CA GLY C 234 19.17 -20.40 -21.79
C GLY C 234 19.50 -21.69 -22.52
N GLY C 235 18.53 -22.26 -23.24
CA GLY C 235 18.74 -23.46 -24.05
C GLY C 235 19.56 -23.24 -25.32
N LYS C 236 19.62 -24.24 -26.18
CA LYS C 236 20.47 -24.17 -27.38
C LYS C 236 19.89 -24.81 -28.65
N GLU C 237 18.83 -25.60 -28.51
CA GLU C 237 18.29 -26.42 -29.61
C GLU C 237 17.24 -25.78 -30.52
N PHE C 238 16.50 -24.79 -30.01
CA PHE C 238 15.44 -24.12 -30.77
C PHE C 238 15.14 -22.71 -30.26
N SER C 239 14.38 -21.94 -31.02
CA SER C 239 14.02 -20.58 -30.60
C SER C 239 12.57 -20.49 -30.12
N MET C 240 12.23 -19.38 -29.47
CA MET C 240 10.85 -19.10 -29.09
C MET C 240 9.96 -19.10 -30.32
N GLU C 241 10.44 -18.45 -31.38
CA GLU C 241 9.70 -18.37 -32.63
C GLU C 241 9.33 -19.75 -33.16
N ASP C 242 10.25 -20.71 -33.04
CA ASP C 242 9.99 -22.10 -33.41
C ASP C 242 8.76 -22.68 -32.72
N ILE C 243 8.72 -22.59 -31.39
CA ILE C 243 7.66 -23.23 -30.63
C ILE C 243 6.37 -22.42 -30.66
N CYS C 244 6.48 -21.10 -30.89
CA CYS C 244 5.30 -20.27 -31.12
C CYS C 244 4.57 -20.76 -32.39
N GLN C 245 5.33 -20.89 -33.48
CA GLN C 245 4.78 -21.35 -34.77
C GLN C 245 4.26 -22.77 -34.66
N GLU C 246 5.03 -23.65 -34.01
CA GLU C 246 4.62 -25.05 -33.79
C GLU C 246 3.31 -25.11 -32.98
N TRP C 247 3.20 -24.31 -31.93
CA TRP C 247 1.99 -24.34 -31.13
C TRP C 247 0.78 -23.74 -31.86
N THR C 248 1.00 -22.63 -32.56
CA THR C 248 -0.01 -21.96 -33.37
C THR C 248 -0.59 -22.96 -34.41
N ASN C 249 0.31 -23.70 -35.07
CA ASN C 249 -0.12 -24.67 -36.06
C ASN C 249 -0.85 -25.84 -35.43
N PHE C 250 -0.43 -26.28 -34.24
CA PHE C 250 -1.20 -27.31 -33.53
C PHE C 250 -2.62 -26.83 -33.15
N ILE C 251 -2.72 -25.63 -32.61
CA ILE C 251 -4.02 -25.05 -32.25
C ILE C 251 -4.95 -24.97 -33.48
N MET C 252 -4.39 -24.52 -34.60
CA MET C 252 -5.20 -24.33 -35.80
C MET C 252 -5.59 -25.66 -36.44
N LYS C 253 -4.72 -26.67 -36.33
CA LYS C 253 -5.07 -28.01 -36.77
C LYS C 253 -6.10 -28.67 -35.85
N SER C 254 -6.36 -28.04 -34.70
CA SER C 254 -7.32 -28.51 -33.71
C SER C 254 -8.63 -27.71 -33.73
N GLU C 255 -8.81 -26.89 -34.75
CA GLU C 255 -9.92 -25.94 -34.71
C GLU C 255 -11.30 -26.61 -34.76
N ASP C 256 -11.41 -27.74 -35.48
CA ASP C 256 -12.65 -28.52 -35.46
C ASP C 256 -12.94 -29.12 -34.09
N TYR C 257 -11.92 -29.73 -33.49
CA TYR C 257 -12.06 -30.19 -32.12
C TYR C 257 -12.51 -29.06 -31.18
N LEU C 258 -11.87 -27.89 -31.29
CA LEU C 258 -12.22 -26.76 -30.44
C LEU C 258 -13.67 -26.28 -30.66
N SER C 259 -14.13 -26.27 -31.93
CA SER C 259 -15.55 -26.04 -32.23
C SER C 259 -16.48 -27.03 -31.52
N SER C 260 -16.10 -28.31 -31.57
CA SER C 260 -16.93 -29.39 -31.00
C SER C 260 -17.10 -29.26 -29.47
N ILE C 261 -16.19 -28.54 -28.81
CA ILE C 261 -16.31 -28.32 -27.36
C ILE C 261 -16.75 -26.88 -27.04
N SER C 262 -17.16 -26.16 -28.08
CA SER C 262 -17.73 -24.83 -27.91
C SER C 262 -19.25 -24.89 -27.96
N GLU C 263 -19.90 -23.96 -27.28
CA GLU C 263 -21.34 -23.80 -27.39
C GLU C 263 -21.68 -23.38 -28.82
N THR C 264 -22.95 -23.50 -29.21
CA THR C 264 -23.40 -23.07 -30.54
C THR C 264 -23.33 -21.55 -30.70
N ILE C 265 -23.23 -21.08 -31.94
CA ILE C 265 -23.34 -19.65 -32.25
C ILE C 265 -24.62 -19.41 -33.05
N GLN D 13 -34.09 -34.24 11.62
CA GLN D 13 -33.19 -33.43 10.75
C GLN D 13 -32.57 -34.30 9.66
N PRO D 14 -32.63 -33.85 8.39
CA PRO D 14 -32.06 -34.62 7.28
C PRO D 14 -30.54 -34.71 7.36
N GLY D 15 -30.05 -35.75 8.04
CA GLY D 15 -28.61 -35.99 8.17
C GLY D 15 -28.11 -36.00 9.61
N LEU D 16 -29.00 -36.23 10.56
CA LEU D 16 -28.67 -36.25 11.99
C LEU D 16 -27.83 -37.48 12.36
N ALA D 17 -28.28 -38.65 11.91
CA ALA D 17 -27.57 -39.91 12.16
C ALA D 17 -26.73 -40.30 10.94
N GLU D 18 -27.10 -39.77 9.77
CA GLU D 18 -26.40 -40.01 8.51
C GLU D 18 -24.95 -39.53 8.58
N LEU D 19 -24.78 -38.32 9.13
CA LEU D 19 -23.47 -37.69 9.24
C LEU D 19 -22.54 -38.40 10.22
N ARG D 20 -23.12 -38.97 11.29
CA ARG D 20 -22.34 -39.71 12.28
C ARG D 20 -21.68 -40.96 11.67
N ARG D 21 -22.29 -41.50 10.63
CA ARG D 21 -21.72 -42.63 9.89
C ARG D 21 -20.41 -42.25 9.20
N ARG D 22 -20.32 -41.00 8.75
CA ARG D 22 -19.07 -40.47 8.20
C ARG D 22 -18.05 -40.21 9.32
N VAL D 23 -18.57 -39.83 10.49
CA VAL D 23 -17.74 -39.55 11.67
C VAL D 23 -17.10 -40.83 12.22
N GLN D 24 -17.91 -41.88 12.35
CA GLN D 24 -17.44 -43.19 12.82
C GLN D 24 -16.44 -43.80 11.85
N GLU D 25 -16.83 -43.88 10.58
CA GLU D 25 -16.03 -44.55 9.56
C GLU D 25 -14.80 -43.74 9.10
N ALA D 26 -14.53 -42.63 9.78
CA ALA D 26 -13.32 -41.85 9.53
C ALA D 26 -12.31 -41.97 10.67
N GLY D 27 -12.81 -42.09 11.90
CA GLY D 27 -11.96 -42.22 13.08
C GLY D 27 -11.74 -40.91 13.82
N VAL D 28 -12.77 -40.07 13.84
CA VAL D 28 -12.73 -38.77 14.50
C VAL D 28 -12.63 -38.95 16.02
N PRO D 29 -11.68 -38.23 16.67
CA PRO D 29 -11.52 -38.34 18.12
C PRO D 29 -12.83 -38.08 18.88
N GLN D 30 -13.16 -38.99 19.79
CA GLN D 30 -14.39 -38.93 20.58
C GLN D 30 -14.24 -37.95 21.74
N THR D 31 -12.99 -37.59 22.05
CA THR D 31 -12.67 -36.59 23.08
C THR D 31 -11.79 -35.50 22.46
N PRO D 32 -11.74 -34.29 23.06
CA PRO D 32 -12.41 -33.82 24.28
C PRO D 32 -13.87 -33.40 24.08
N GLN D 33 -14.31 -33.30 22.83
CA GLN D 33 -15.71 -32.99 22.52
C GLN D 33 -16.51 -34.26 22.25
N PRO D 34 -17.47 -34.57 23.14
CA PRO D 34 -18.34 -35.74 22.95
C PRO D 34 -19.20 -35.56 21.69
N LEU D 35 -19.07 -36.49 20.76
CA LEU D 35 -19.76 -36.44 19.48
C LEU D 35 -21.24 -36.78 19.63
N THR D 36 -21.98 -35.84 20.25
CA THR D 36 -23.41 -35.98 20.46
C THR D 36 -24.19 -35.36 19.30
N ASP D 37 -25.51 -35.48 19.35
CA ASP D 37 -26.40 -34.88 18.36
C ASP D 37 -26.37 -33.36 18.50
N ALA D 38 -26.18 -32.91 19.74
CA ALA D 38 -26.07 -31.48 20.07
C ALA D 38 -24.81 -30.85 19.46
N PHE D 39 -23.75 -31.65 19.37
CA PHE D 39 -22.47 -31.21 18.79
C PHE D 39 -22.50 -31.30 17.26
N LEU D 40 -23.11 -32.34 16.71
CA LEU D 40 -23.14 -32.55 15.26
C LEU D 40 -24.11 -31.61 14.53
N LEU D 41 -25.12 -31.10 15.24
CA LEU D 41 -26.06 -30.11 14.68
C LEU D 41 -25.41 -28.77 14.31
N ARG D 42 -24.37 -28.41 15.06
CA ARG D 42 -23.63 -27.16 14.84
C ARG D 42 -23.16 -27.06 13.39
N PHE D 43 -22.65 -28.16 12.86
CA PHE D 43 -22.04 -28.20 11.53
C PHE D 43 -23.04 -28.16 10.37
N LEU D 44 -24.15 -28.89 10.50
CA LEU D 44 -25.22 -28.89 9.48
C LEU D 44 -25.88 -27.52 9.37
N ARG D 45 -26.33 -27.00 10.51
CA ARG D 45 -26.97 -25.69 10.58
C ARG D 45 -26.07 -24.56 10.09
N ALA D 46 -24.77 -24.70 10.35
CA ALA D 46 -23.77 -23.73 9.92
C ALA D 46 -23.61 -23.68 8.40
N ARG D 47 -24.22 -24.63 7.69
CA ARG D 47 -24.18 -24.64 6.22
C ARG D 47 -25.56 -24.87 5.60
N ASP D 48 -26.60 -24.70 6.43
CA ASP D 48 -28.01 -24.83 6.02
C ASP D 48 -28.35 -26.26 5.60
N PHE D 49 -27.93 -27.21 6.44
CA PHE D 49 -28.14 -28.64 6.25
C PHE D 49 -27.61 -29.19 4.91
N ASP D 50 -26.74 -28.44 4.27
CA ASP D 50 -26.02 -28.93 3.10
C ASP D 50 -24.94 -29.90 3.59
N LEU D 51 -25.32 -31.17 3.60
CA LEU D 51 -24.51 -32.27 4.13
C LEU D 51 -23.09 -32.30 3.59
N ASP D 52 -22.94 -31.91 2.32
CA ASP D 52 -21.64 -31.87 1.64
C ASP D 52 -20.67 -30.87 2.27
N LEU D 53 -21.13 -29.62 2.46
CA LEU D 53 -20.30 -28.57 3.05
C LEU D 53 -20.14 -28.73 4.56
N ALA D 54 -21.18 -29.28 5.21
CA ALA D 54 -21.14 -29.58 6.64
C ALA D 54 -20.01 -30.53 7.00
N TRP D 55 -19.75 -31.51 6.12
CA TRP D 55 -18.67 -32.47 6.30
C TRP D 55 -17.29 -31.83 6.05
N ARG D 56 -17.19 -30.98 5.02
CA ARG D 56 -15.96 -30.23 4.77
C ARG D 56 -15.62 -29.32 5.95
N LEU D 57 -16.63 -28.65 6.49
CA LEU D 57 -16.48 -27.79 7.66
C LEU D 57 -16.06 -28.57 8.91
N MET D 58 -16.61 -29.78 9.08
CA MET D 58 -16.24 -30.63 10.21
C MET D 58 -14.78 -31.07 10.11
N LYS D 59 -14.37 -31.48 8.91
CA LYS D 59 -12.97 -31.85 8.64
C LYS D 59 -12.06 -30.65 8.87
N ASN D 60 -12.42 -29.50 8.27
CA ASN D 60 -11.67 -28.26 8.43
C ASN D 60 -11.57 -27.80 9.88
N TYR D 61 -12.63 -28.01 10.65
CA TYR D 61 -12.65 -27.66 12.07
C TYR D 61 -11.62 -28.46 12.88
N TYR D 62 -11.60 -29.77 12.68
CA TYR D 62 -10.65 -30.66 13.36
C TYR D 62 -9.23 -30.55 12.81
N LYS D 63 -9.13 -30.21 11.52
CA LYS D 63 -7.85 -29.94 10.86
C LYS D 63 -7.25 -28.69 11.51
N TRP D 64 -8.08 -27.67 11.66
CA TRP D 64 -7.74 -26.40 12.32
C TRP D 64 -7.34 -26.61 13.77
N ARG D 65 -7.98 -27.58 14.43
CA ARG D 65 -7.69 -27.92 15.82
C ARG D 65 -6.35 -28.63 15.99
N ALA D 66 -6.06 -29.58 15.10
CA ALA D 66 -4.80 -30.33 15.14
C ALA D 66 -3.60 -29.47 14.73
N GLU D 67 -3.85 -28.45 13.91
CA GLU D 67 -2.81 -27.51 13.48
C GLU D 67 -2.43 -26.50 14.55
N CYS D 68 -3.37 -26.20 15.45
CA CYS D 68 -3.17 -25.13 16.44
C CYS D 68 -3.35 -25.63 17.88
N PRO D 69 -2.34 -26.32 18.45
CA PRO D 69 -2.46 -26.77 19.84
C PRO D 69 -2.39 -25.61 20.86
N GLU D 70 -1.60 -24.60 20.54
CA GLU D 70 -1.43 -23.42 21.40
C GLU D 70 -2.71 -22.59 21.55
N LEU D 71 -3.65 -22.78 20.60
CA LEU D 71 -4.92 -22.07 20.59
C LEU D 71 -6.13 -22.94 20.92
N SER D 72 -6.33 -24.00 20.12
CA SER D 72 -7.55 -24.81 20.15
C SER D 72 -7.67 -25.75 21.35
N ALA D 73 -6.54 -26.24 21.86
CA ALA D 73 -6.52 -27.23 22.94
C ALA D 73 -7.13 -26.72 24.25
N ASP D 74 -6.79 -25.49 24.62
CA ASP D 74 -7.17 -24.92 25.91
C ASP D 74 -8.29 -23.86 25.83
N LEU D 75 -9.48 -24.22 26.32
CA LEU D 75 -10.62 -23.30 26.43
C LEU D 75 -10.89 -22.86 27.87
N ARG D 76 -9.91 -23.09 28.74
CA ARG D 76 -10.04 -22.74 30.15
C ARG D 76 -9.79 -21.25 30.33
N PRO D 77 -10.81 -20.52 30.86
CA PRO D 77 -10.88 -19.06 30.91
C PRO D 77 -9.93 -18.35 31.89
N ARG D 78 -9.64 -19.00 33.02
CA ARG D 78 -8.87 -18.36 34.10
C ARG D 78 -7.57 -17.69 33.63
N SER D 79 -7.03 -18.17 32.52
CA SER D 79 -5.81 -17.63 31.92
C SER D 79 -6.00 -16.26 31.24
N ILE D 80 -7.19 -16.01 30.72
CA ILE D 80 -7.52 -14.72 30.09
C ILE D 80 -8.53 -13.90 30.90
N LEU D 81 -8.62 -14.19 32.19
CA LEU D 81 -9.53 -13.49 33.12
C LEU D 81 -9.23 -11.99 33.25
N GLY D 82 -7.93 -11.64 33.23
CA GLY D 82 -7.49 -10.25 33.37
C GLY D 82 -7.99 -9.37 32.23
N LEU D 83 -8.05 -9.97 31.05
CA LEU D 83 -8.51 -9.34 29.82
C LEU D 83 -10.02 -9.08 29.91
N LEU D 84 -10.76 -10.09 30.37
CA LEU D 84 -12.19 -9.95 30.58
C LEU D 84 -12.48 -8.91 31.66
N LYS D 85 -11.70 -8.93 32.75
CA LYS D 85 -11.84 -7.94 33.83
C LYS D 85 -11.51 -6.52 33.39
N ALA D 86 -10.49 -6.39 32.54
CA ALA D 86 -10.09 -5.10 31.98
C ALA D 86 -11.17 -4.48 31.08
N GLY D 87 -12.06 -5.32 30.57
CA GLY D 87 -13.19 -4.87 29.76
C GLY D 87 -12.99 -4.96 28.26
N TYR D 88 -12.16 -5.90 27.82
CA TYR D 88 -11.87 -6.09 26.40
C TYR D 88 -13.09 -6.52 25.58
N HIS D 89 -14.00 -7.28 26.21
CA HIS D 89 -15.04 -8.00 25.49
C HIS D 89 -16.38 -8.08 26.25
N GLY D 90 -17.47 -7.92 25.50
CA GLY D 90 -18.83 -8.08 26.01
C GLY D 90 -19.73 -8.51 24.87
N VAL D 91 -20.81 -9.22 25.21
CA VAL D 91 -21.81 -9.62 24.22
C VAL D 91 -23.10 -8.88 24.52
N LEU D 92 -23.69 -8.29 23.48
CA LEU D 92 -24.93 -7.54 23.62
C LEU D 92 -26.05 -8.44 24.15
N ARG D 93 -26.93 -7.83 24.93
CA ARG D 93 -28.02 -8.53 25.61
C ARG D 93 -29.06 -9.09 24.63
N SER D 94 -29.23 -8.40 23.51
CA SER D 94 -30.24 -8.76 22.51
C SER D 94 -29.58 -9.17 21.20
N ARG D 95 -30.29 -9.98 20.43
CA ARG D 95 -29.89 -10.28 19.06
C ARG D 95 -30.36 -9.17 18.14
N ASP D 96 -29.72 -9.00 16.99
CA ASP D 96 -30.19 -7.99 16.02
C ASP D 96 -31.43 -8.47 15.26
N SER D 97 -31.89 -7.65 14.32
CA SER D 97 -33.13 -7.92 13.57
C SER D 97 -33.13 -9.27 12.84
N THR D 98 -31.93 -9.74 12.45
CA THR D 98 -31.78 -11.03 11.77
C THR D 98 -31.53 -12.18 12.76
N GLY D 99 -31.69 -11.90 14.05
CA GLY D 99 -31.50 -12.89 15.11
C GLY D 99 -30.05 -13.25 15.42
N SER D 100 -29.10 -12.57 14.78
CA SER D 100 -27.68 -12.84 14.97
C SER D 100 -27.19 -12.37 16.34
N ARG D 101 -26.23 -13.11 16.88
CA ARG D 101 -25.52 -12.69 18.09
C ARG D 101 -24.55 -11.55 17.82
N VAL D 102 -24.49 -10.57 18.72
CA VAL D 102 -23.66 -9.39 18.52
C VAL D 102 -22.59 -9.26 19.60
N LEU D 103 -21.33 -9.24 19.15
CA LEU D 103 -20.19 -9.24 20.06
C LEU D 103 -19.39 -7.96 19.90
N ILE D 104 -18.89 -7.42 21.02
CA ILE D 104 -18.07 -6.19 21.00
C ILE D 104 -16.69 -6.46 21.57
N TYR D 105 -15.66 -6.05 20.83
CA TYR D 105 -14.29 -6.15 21.27
C TYR D 105 -13.65 -4.75 21.29
N ARG D 106 -12.89 -4.46 22.35
CA ARG D 106 -12.36 -3.11 22.55
C ARG D 106 -10.84 -3.13 22.71
N ILE D 107 -10.17 -2.73 21.64
CA ILE D 107 -8.71 -2.78 21.54
C ILE D 107 -7.97 -2.08 22.68
N ALA D 108 -8.51 -0.95 23.12
CA ALA D 108 -7.91 -0.14 24.21
C ALA D 108 -7.89 -0.84 25.57
N TYR D 109 -8.48 -2.03 25.66
CA TYR D 109 -8.47 -2.78 26.91
C TYR D 109 -7.69 -4.08 26.79
N TRP D 110 -6.99 -4.21 25.66
CA TRP D 110 -5.97 -5.22 25.48
C TRP D 110 -4.61 -4.57 25.70
N ASP D 111 -3.90 -5.08 26.71
CA ASP D 111 -2.53 -4.68 26.98
C ASP D 111 -1.57 -5.72 26.37
N PRO D 112 -0.92 -5.36 25.24
CA PRO D 112 0.04 -6.26 24.57
C PRO D 112 1.24 -6.66 25.43
N LYS D 113 1.53 -5.86 26.46
CA LYS D 113 2.62 -6.15 27.39
C LYS D 113 2.25 -7.31 28.30
N VAL D 114 0.97 -7.39 28.65
CA VAL D 114 0.47 -8.44 29.53
C VAL D 114 -0.11 -9.64 28.75
N PHE D 115 -0.91 -9.36 27.72
CA PHE D 115 -1.55 -10.43 26.95
C PHE D 115 -1.12 -10.45 25.49
N THR D 116 -0.77 -11.65 25.02
CA THR D 116 -0.41 -11.87 23.62
C THR D 116 -1.65 -11.98 22.74
N ALA D 117 -1.48 -11.82 21.43
CA ALA D 117 -2.57 -11.94 20.47
C ALA D 117 -3.29 -13.31 20.52
N TYR D 118 -2.56 -14.34 20.95
CA TYR D 118 -3.12 -15.68 21.10
C TYR D 118 -4.08 -15.80 22.28
N ASP D 119 -3.77 -15.08 23.37
CA ASP D 119 -4.67 -14.95 24.51
C ASP D 119 -5.97 -14.27 24.09
N VAL D 120 -5.84 -13.18 23.35
CA VAL D 120 -6.96 -12.42 22.84
C VAL D 120 -7.80 -13.30 21.91
N PHE D 121 -7.11 -14.06 21.07
CA PHE D 121 -7.77 -15.01 20.17
C PHE D 121 -8.57 -16.07 20.96
N ARG D 122 -8.05 -16.48 22.12
CA ARG D 122 -8.69 -17.49 22.97
C ARG D 122 -10.07 -17.02 23.47
N VAL D 123 -10.12 -15.75 23.85
CA VAL D 123 -11.35 -15.09 24.30
C VAL D 123 -12.48 -15.25 23.28
N SER D 124 -12.17 -15.03 22.00
CA SER D 124 -13.12 -15.26 20.93
C SER D 124 -13.49 -16.74 20.80
N LEU D 125 -12.52 -17.62 20.96
CA LEU D 125 -12.76 -19.06 20.91
C LEU D 125 -13.65 -19.55 22.04
N ILE D 126 -13.42 -19.01 23.24
CA ILE D 126 -14.26 -19.28 24.41
C ILE D 126 -15.70 -18.83 24.17
N THR D 127 -15.86 -17.55 23.83
CA THR D 127 -17.17 -16.98 23.53
C THR D 127 -17.87 -17.73 22.40
N SER D 128 -17.13 -18.04 21.34
CA SER D 128 -17.67 -18.79 20.20
C SER D 128 -18.25 -20.15 20.62
N GLU D 129 -17.55 -20.85 21.49
CA GLU D 129 -18.00 -22.18 21.95
C GLU D 129 -19.25 -22.12 22.82
N LEU D 130 -19.33 -21.11 23.68
CA LEU D 130 -20.50 -20.94 24.53
C LEU D 130 -21.76 -20.55 23.74
N ILE D 131 -21.61 -19.63 22.79
CA ILE D 131 -22.75 -19.13 22.02
C ILE D 131 -23.18 -20.07 20.89
N VAL D 132 -22.25 -20.90 20.41
CA VAL D 132 -22.56 -21.87 19.35
C VAL D 132 -23.56 -22.95 19.82
N GLN D 133 -23.65 -23.14 21.14
CA GLN D 133 -24.65 -24.04 21.74
C GLN D 133 -26.07 -23.54 21.53
N GLU D 134 -26.23 -22.21 21.39
CA GLU D 134 -27.53 -21.59 21.16
C GLU D 134 -28.01 -21.85 19.73
N VAL D 135 -29.21 -22.43 19.64
CA VAL D 135 -29.79 -22.86 18.37
C VAL D 135 -29.93 -21.70 17.38
N GLU D 136 -30.48 -20.59 17.88
CA GLU D 136 -30.66 -19.38 17.08
C GLU D 136 -29.32 -18.83 16.55
N THR D 137 -28.27 -18.93 17.35
CA THR D 137 -26.93 -18.52 16.95
C THR D 137 -26.39 -19.41 15.81
N GLN D 138 -26.73 -20.70 15.82
CA GLN D 138 -26.40 -21.62 14.72
C GLN D 138 -27.11 -21.24 13.42
N ARG D 139 -28.39 -20.89 13.53
CA ARG D 139 -29.22 -20.50 12.37
C ARG D 139 -28.88 -19.12 11.83
N ASN D 140 -28.69 -18.16 12.74
CA ASN D 140 -28.60 -16.74 12.42
C ASN D 140 -27.19 -16.16 12.35
N GLY D 141 -26.27 -16.81 13.05
CA GLY D 141 -24.85 -16.40 13.03
C GLY D 141 -24.48 -15.31 14.03
N VAL D 142 -23.32 -14.71 13.81
CA VAL D 142 -22.83 -13.63 14.67
C VAL D 142 -22.40 -12.41 13.87
N LYS D 143 -22.47 -11.26 14.52
CA LYS D 143 -21.87 -10.04 14.02
C LYS D 143 -20.91 -9.58 15.09
N ALA D 144 -19.73 -9.11 14.68
CA ALA D 144 -18.69 -8.68 15.62
C ALA D 144 -18.28 -7.25 15.35
N ILE D 145 -18.20 -6.47 16.41
CA ILE D 145 -17.83 -5.06 16.36
C ILE D 145 -16.50 -4.88 17.05
N PHE D 146 -15.55 -4.30 16.31
CA PHE D 146 -14.22 -4.04 16.83
C PHE D 146 -13.98 -2.56 16.97
N ASP D 147 -13.85 -2.12 18.22
CA ASP D 147 -13.53 -0.73 18.49
C ASP D 147 -12.01 -0.59 18.55
N LEU D 148 -11.45 0.09 17.57
CA LEU D 148 -9.99 0.14 17.42
C LEU D 148 -9.35 1.40 17.99
N GLU D 149 -10.14 2.22 18.68
CA GLU D 149 -9.59 3.34 19.43
C GLU D 149 -8.56 2.82 20.44
N GLY D 150 -7.41 3.48 20.51
CA GLY D 150 -6.35 3.04 21.41
C GLY D 150 -5.37 2.07 20.76
N TRP D 151 -5.51 1.87 19.45
CA TRP D 151 -4.56 1.03 18.69
C TRP D 151 -3.13 1.56 18.80
N GLN D 152 -2.24 0.73 19.33
CA GLN D 152 -0.81 1.04 19.43
C GLN D 152 0.00 0.12 18.50
N VAL D 153 1.22 0.55 18.20
CA VAL D 153 2.17 -0.25 17.43
C VAL D 153 2.43 -1.59 18.12
N SER D 154 2.48 -1.58 19.45
CA SER D 154 2.65 -2.80 20.23
C SER D 154 1.53 -3.84 20.02
N HIS D 155 0.32 -3.38 19.66
CA HIS D 155 -0.74 -4.31 19.23
C HIS D 155 -0.33 -4.91 17.87
N ALA D 156 0.14 -4.05 16.96
CA ALA D 156 0.51 -4.49 15.61
C ALA D 156 1.65 -5.51 15.63
N PHE D 157 2.67 -5.25 16.46
CA PHE D 157 3.76 -6.22 16.71
C PHE D 157 3.24 -7.67 16.93
N GLN D 158 2.07 -7.80 17.57
CA GLN D 158 1.48 -9.09 17.92
C GLN D 158 0.75 -9.81 16.77
N ILE D 159 0.27 -9.04 15.78
CA ILE D 159 -0.46 -9.62 14.65
C ILE D 159 0.48 -10.06 13.51
N THR D 160 1.13 -11.19 13.72
CA THR D 160 2.03 -11.77 12.73
C THR D 160 1.21 -12.40 11.58
N PRO D 161 1.88 -12.70 10.45
CA PRO D 161 1.21 -13.44 9.36
C PRO D 161 0.52 -14.71 9.84
N SER D 162 1.15 -15.42 10.78
CA SER D 162 0.59 -16.63 11.37
C SER D 162 -0.74 -16.37 12.11
N VAL D 163 -0.82 -15.26 12.85
CA VAL D 163 -2.07 -14.84 13.48
C VAL D 163 -3.16 -14.50 12.44
N ALA D 164 -2.79 -13.80 11.37
CA ALA D 164 -3.76 -13.39 10.33
C ALA D 164 -4.37 -14.56 9.56
N LYS D 165 -3.59 -15.60 9.33
CA LYS D 165 -4.07 -16.78 8.63
C LYS D 165 -5.08 -17.56 9.50
N LYS D 166 -4.90 -17.47 10.82
CA LYS D 166 -5.81 -18.10 11.78
C LYS D 166 -7.13 -17.32 11.92
N ILE D 167 -7.05 -15.99 11.91
CA ILE D 167 -8.26 -15.15 11.84
C ILE D 167 -9.04 -15.49 10.58
N ALA D 168 -8.33 -15.61 9.45
CA ALA D 168 -8.90 -15.93 8.14
C ALA D 168 -9.66 -17.26 8.13
N ALA D 169 -9.01 -18.31 8.63
CA ALA D 169 -9.61 -19.63 8.68
C ALA D 169 -10.87 -19.65 9.54
N VAL D 170 -10.76 -19.09 10.75
CA VAL D 170 -11.83 -19.15 11.73
C VAL D 170 -13.10 -18.39 11.31
N LEU D 171 -12.93 -17.41 10.41
CA LEU D 171 -14.05 -16.65 9.86
C LEU D 171 -14.60 -17.30 8.59
N THR D 172 -13.84 -18.21 7.99
CA THR D 172 -14.24 -18.88 6.75
C THR D 172 -14.06 -20.41 6.78
N ASP D 173 -15.18 -21.10 7.00
CA ASP D 173 -15.26 -22.57 6.94
C ASP D 173 -14.17 -23.33 7.73
N SER D 174 -13.88 -22.90 8.95
CA SER D 174 -13.01 -23.67 9.84
C SER D 174 -13.61 -23.74 11.25
N PHE D 175 -14.74 -23.06 11.42
CA PHE D 175 -15.49 -23.09 12.67
C PHE D 175 -16.98 -23.14 12.38
N PRO D 176 -17.74 -23.95 13.14
CA PRO D 176 -19.19 -24.09 12.92
C PRO D 176 -20.01 -22.86 13.38
N LEU D 177 -19.73 -21.70 12.80
CA LEU D 177 -20.47 -20.46 13.07
C LEU D 177 -20.44 -19.53 11.88
N LYS D 178 -21.63 -19.19 11.40
CA LYS D 178 -21.78 -18.20 10.34
C LYS D 178 -21.37 -16.81 10.85
N VAL D 179 -20.48 -16.16 10.12
CA VAL D 179 -20.09 -14.77 10.37
C VAL D 179 -20.95 -13.91 9.45
N ARG D 180 -21.86 -13.14 10.05
CA ARG D 180 -22.82 -12.37 9.28
C ARG D 180 -22.46 -10.89 9.20
N GLY D 181 -21.49 -10.45 10.00
CA GLY D 181 -21.01 -9.07 9.96
C GLY D 181 -19.73 -8.82 10.73
N ILE D 182 -18.78 -8.14 10.09
CA ILE D 182 -17.61 -7.60 10.78
C ILE D 182 -17.64 -6.08 10.64
N HIS D 183 -17.73 -5.41 11.78
CA HIS D 183 -17.84 -3.95 11.84
C HIS D 183 -16.61 -3.39 12.55
N LEU D 184 -15.92 -2.45 11.91
CA LEU D 184 -14.80 -1.78 12.54
C LEU D 184 -15.15 -0.32 12.81
N ILE D 185 -14.81 0.15 14.01
CA ILE D 185 -14.99 1.56 14.35
C ILE D 185 -13.69 2.12 14.93
N ASN D 186 -13.49 3.41 14.67
CA ASN D 186 -12.30 4.13 15.10
C ASN D 186 -10.97 3.52 14.57
N GLU D 187 -11.01 2.86 13.41
CA GLU D 187 -9.78 2.27 12.84
C GLU D 187 -8.80 3.34 12.42
N PRO D 188 -7.49 3.02 12.46
CA PRO D 188 -6.55 3.92 11.84
C PRO D 188 -6.78 4.00 10.34
N VAL D 189 -6.56 5.20 9.78
CA VAL D 189 -6.60 5.46 8.34
C VAL D 189 -5.89 4.35 7.55
N ILE D 190 -4.77 3.89 8.10
CA ILE D 190 -3.93 2.88 7.43
C ILE D 190 -4.71 1.57 7.20
N PHE D 191 -5.55 1.17 8.17
CA PHE D 191 -6.42 0.00 8.06
C PHE D 191 -7.38 0.16 6.91
N HIS D 192 -8.02 1.32 6.85
CA HIS D 192 -9.02 1.59 5.83
C HIS D 192 -8.38 1.66 4.44
N ALA D 193 -7.19 2.25 4.35
CA ALA D 193 -6.51 2.41 3.05
C ALA D 193 -6.07 1.07 2.46
N VAL D 194 -5.45 0.22 3.28
CA VAL D 194 -5.08 -1.13 2.88
C VAL D 194 -6.30 -1.97 2.49
N PHE D 195 -7.34 -1.97 3.33
CA PHE D 195 -8.59 -2.65 2.98
C PHE D 195 -9.16 -2.16 1.65
N SER D 196 -9.08 -0.85 1.39
CA SER D 196 -9.50 -0.27 0.12
C SER D 196 -8.87 -0.99 -1.05
N MET D 197 -7.61 -1.39 -0.89
CA MET D 197 -6.87 -2.10 -1.93
C MET D 197 -7.37 -3.54 -2.12
N ILE D 198 -7.58 -4.27 -1.03
CA ILE D 198 -8.04 -5.66 -1.12
C ILE D 198 -9.54 -5.80 -1.45
N LYS D 199 -10.33 -4.80 -1.05
CA LYS D 199 -11.78 -4.77 -1.27
C LYS D 199 -12.25 -5.24 -2.67
N PRO D 200 -11.78 -4.58 -3.76
CA PRO D 200 -12.32 -4.92 -5.09
C PRO D 200 -12.06 -6.37 -5.54
N PHE D 201 -11.09 -7.04 -4.91
CA PHE D 201 -10.70 -8.40 -5.27
C PHE D 201 -11.45 -9.46 -4.45
N LEU D 202 -12.35 -9.00 -3.58
CA LEU D 202 -13.17 -9.88 -2.76
C LEU D 202 -14.52 -10.11 -3.44
N THR D 203 -15.13 -11.24 -3.12
CA THR D 203 -16.44 -11.62 -3.66
C THR D 203 -17.56 -10.64 -3.25
N GLU D 204 -18.68 -10.70 -3.97
CA GLU D 204 -19.79 -9.76 -3.82
C GLU D 204 -20.51 -9.81 -2.46
N LYS D 205 -20.69 -11.00 -1.91
CA LYS D 205 -21.40 -11.15 -0.63
C LYS D 205 -20.51 -10.90 0.58
N ILE D 206 -19.21 -11.13 0.42
CA ILE D 206 -18.22 -10.91 1.47
C ILE D 206 -17.99 -9.41 1.76
N LYS D 207 -17.87 -8.61 0.70
CA LYS D 207 -17.73 -7.15 0.88
C LYS D 207 -19.05 -6.47 1.29
N ASP D 208 -20.12 -7.26 1.39
CA ASP D 208 -21.39 -6.83 2.01
C ASP D 208 -21.40 -7.09 3.52
N ARG D 209 -20.41 -7.86 3.99
CA ARG D 209 -20.32 -8.26 5.39
C ARG D 209 -19.19 -7.58 6.19
N ILE D 210 -18.35 -6.80 5.52
CA ILE D 210 -17.25 -6.08 6.18
C ILE D 210 -17.52 -4.57 6.12
N HIS D 211 -17.53 -3.95 7.30
CA HIS D 211 -17.92 -2.54 7.42
C HIS D 211 -16.91 -1.73 8.23
N LEU D 212 -16.31 -0.73 7.57
CA LEU D 212 -15.36 0.16 8.24
C LEU D 212 -15.97 1.55 8.43
N HIS D 213 -16.26 1.88 9.69
CA HIS D 213 -17.07 3.06 10.04
C HIS D 213 -16.26 4.31 10.35
N GLY D 214 -14.97 4.15 10.63
CA GLY D 214 -14.11 5.27 11.01
C GLY D 214 -14.50 5.87 12.36
N ASN D 215 -14.20 7.16 12.54
CA ASN D 215 -14.46 7.92 13.78
C ASN D 215 -15.90 8.42 13.95
N ASN D 216 -16.58 8.61 12.83
CA ASN D 216 -17.93 9.13 12.77
C ASN D 216 -18.92 8.02 12.41
N TYR D 217 -19.08 7.11 13.38
CA TYR D 217 -19.72 5.82 13.18
C TYR D 217 -21.16 5.81 13.70
N LYS D 218 -21.49 6.83 14.48
CA LYS D 218 -22.77 6.93 15.18
C LYS D 218 -23.96 6.40 14.38
N SER D 219 -24.25 7.03 13.23
CA SER D 219 -25.50 6.75 12.50
C SER D 219 -25.49 5.50 11.65
N SER D 220 -24.35 5.16 11.05
CA SER D 220 -24.22 3.88 10.33
C SER D 220 -24.43 2.70 11.29
N MET D 221 -23.93 2.82 12.51
CA MET D 221 -24.10 1.79 13.54
C MET D 221 -25.56 1.66 13.99
N LEU D 222 -26.27 2.78 14.05
CA LEU D 222 -27.68 2.79 14.43
C LEU D 222 -28.58 2.21 13.35
N GLN D 223 -28.19 2.40 12.08
CA GLN D 223 -28.88 1.74 10.97
C GLN D 223 -28.82 0.22 11.09
N HIS D 224 -27.62 -0.29 11.33
CA HIS D 224 -27.37 -1.73 11.49
C HIS D 224 -27.97 -2.31 12.78
N PHE D 225 -27.78 -1.61 13.90
CA PHE D 225 -28.17 -2.13 15.21
C PHE D 225 -29.03 -1.14 16.03
N PRO D 226 -30.31 -0.95 15.67
CA PRO D 226 -31.14 -0.05 16.50
C PRO D 226 -31.55 -0.70 17.83
N ASP D 227 -31.70 0.12 18.86
CA ASP D 227 -32.24 -0.28 20.19
C ASP D 227 -31.30 -1.10 21.10
N ILE D 228 -30.27 -1.69 20.50
CA ILE D 228 -29.50 -2.76 21.15
C ILE D 228 -28.03 -2.44 21.45
N LEU D 229 -27.57 -1.24 21.11
CA LEU D 229 -26.19 -0.85 21.39
C LEU D 229 -26.04 -0.30 22.81
N PRO D 230 -24.82 -0.36 23.38
CA PRO D 230 -24.60 0.34 24.63
C PRO D 230 -24.47 1.85 24.39
N ARG D 231 -24.57 2.64 25.46
CA ARG D 231 -24.53 4.10 25.38
C ARG D 231 -23.31 4.64 24.62
N GLU D 232 -22.17 4.01 24.87
CA GLU D 232 -20.91 4.41 24.26
C GLU D 232 -21.00 4.47 22.73
N TYR D 233 -21.84 3.64 22.13
CA TYR D 233 -21.95 3.56 20.67
C TYR D 233 -23.26 4.11 20.08
N GLY D 234 -24.07 4.74 20.93
CA GLY D 234 -25.27 5.43 20.48
C GLY D 234 -26.57 4.90 21.04
N GLY D 235 -26.50 3.84 21.84
CA GLY D 235 -27.67 3.25 22.51
C GLY D 235 -28.09 4.03 23.75
N LYS D 236 -29.12 3.56 24.44
CA LYS D 236 -29.63 4.34 25.59
C LYS D 236 -29.87 3.59 26.91
N GLU D 237 -29.69 2.27 26.92
CA GLU D 237 -30.19 1.48 28.05
C GLU D 237 -29.15 0.82 28.99
N PHE D 238 -27.94 0.60 28.47
CA PHE D 238 -26.84 0.00 29.25
C PHE D 238 -25.48 0.48 28.74
N SER D 239 -24.41 0.12 29.45
CA SER D 239 -23.03 0.49 29.11
C SER D 239 -22.17 -0.74 28.83
N MET D 240 -21.02 -0.53 28.17
CA MET D 240 -20.04 -1.60 27.96
C MET D 240 -19.70 -2.32 29.26
N GLU D 241 -19.46 -1.53 30.31
CA GLU D 241 -19.21 -2.03 31.65
C GLU D 241 -20.20 -3.14 32.05
N ASP D 242 -21.49 -2.90 31.83
CA ASP D 242 -22.55 -3.85 32.18
C ASP D 242 -22.39 -5.19 31.47
N ILE D 243 -22.33 -5.14 30.14
CA ILE D 243 -22.27 -6.35 29.31
C ILE D 243 -20.93 -7.08 29.42
N CYS D 244 -19.84 -6.35 29.66
CA CYS D 244 -18.53 -6.95 29.93
C CYS D 244 -18.58 -7.80 31.20
N GLN D 245 -18.98 -7.17 32.31
CA GLN D 245 -19.13 -7.87 33.60
C GLN D 245 -20.11 -9.04 33.51
N GLU D 246 -21.20 -8.84 32.77
CA GLU D 246 -22.20 -9.88 32.52
C GLU D 246 -21.62 -11.06 31.75
N TRP D 247 -20.87 -10.76 30.69
CA TRP D 247 -20.27 -11.81 29.90
C TRP D 247 -19.11 -12.48 30.64
N THR D 248 -18.33 -11.69 31.38
CA THR D 248 -17.26 -12.20 32.26
C THR D 248 -17.84 -13.20 33.28
N ASN D 249 -19.01 -12.87 33.83
CA ASN D 249 -19.73 -13.77 34.72
C ASN D 249 -20.05 -15.10 34.04
N PHE D 250 -20.73 -15.02 32.90
CA PHE D 250 -21.16 -16.20 32.14
C PHE D 250 -20.03 -17.18 31.81
N ILE D 251 -18.87 -16.63 31.44
CA ILE D 251 -17.68 -17.43 31.09
C ILE D 251 -17.08 -18.13 32.32
N MET D 252 -16.95 -17.39 33.42
CA MET D 252 -16.40 -17.94 34.66
C MET D 252 -17.34 -18.95 35.32
N LYS D 253 -18.65 -18.77 35.12
CA LYS D 253 -19.63 -19.73 35.60
C LYS D 253 -19.66 -21.00 34.75
N SER D 254 -19.22 -20.87 33.50
CA SER D 254 -19.17 -22.00 32.57
C SER D 254 -17.78 -22.63 32.51
N GLU D 255 -16.90 -22.26 33.44
CA GLU D 255 -15.48 -22.64 33.38
C GLU D 255 -15.24 -24.14 33.51
N ASP D 256 -16.21 -24.83 34.11
CA ASP D 256 -16.15 -26.26 34.32
C ASP D 256 -16.47 -27.00 33.02
N TYR D 257 -17.51 -26.56 32.33
CA TYR D 257 -17.85 -27.08 31.00
C TYR D 257 -16.74 -26.80 30.00
N LEU D 258 -16.11 -25.63 30.14
CA LEU D 258 -14.97 -25.23 29.32
C LEU D 258 -13.76 -26.13 29.57
N SER D 259 -13.52 -26.45 30.84
CA SER D 259 -12.47 -27.39 31.24
C SER D 259 -12.71 -28.80 30.68
N SER D 260 -13.96 -29.24 30.72
CA SER D 260 -14.35 -30.60 30.28
C SER D 260 -14.19 -30.82 28.77
N ILE D 261 -14.07 -29.73 28.01
CA ILE D 261 -13.85 -29.81 26.56
C ILE D 261 -12.45 -29.33 26.15
N SER D 262 -11.53 -29.32 27.12
CA SER D 262 -10.13 -28.97 26.89
C SER D 262 -9.22 -30.20 26.93
N GLU D 263 -7.93 -29.98 26.68
CA GLU D 263 -6.92 -31.04 26.70
C GLU D 263 -5.79 -30.71 27.68
O1 VIV E . 20.93 9.59 10.68
O2 VIV E . 25.04 12.24 8.25
C1 VIV E . 14.73 3.48 7.13
C2 VIV E . 23.54 10.42 8.29
C3 VIV E . 22.50 9.70 8.88
C4 VIV E . 21.96 10.23 10.06
C5 VIV E . 22.42 11.40 10.65
C6 VIV E . 23.46 12.09 10.05
C7 VIV E . 24.02 11.59 8.87
C8 VIV E . 24.19 9.90 6.98
C9 VIV E . 20.12 8.66 9.91
C10 VIV E . 21.97 8.39 8.26
C11 VIV E . 21.07 7.63 9.26
C12 VIV E . 21.77 11.89 11.95
C13 VIV E . 23.99 13.39 10.70
C14 VIV E . 19.27 9.41 8.86
C15 VIV E . 19.26 7.98 10.97
C16 VIV E . 18.34 6.87 10.39
C17 VIV E . 17.42 6.37 11.52
C18 VIV E . 16.50 5.27 11.06
C19 VIV E . 15.51 4.99 12.21
C20 VIV E . 17.34 3.99 10.65
C21 VIV E . 16.53 2.85 10.44
C22 VIV E . 15.87 2.55 9.23
C23 VIV E . 16.05 3.33 7.91
C24 VIV E . 17.09 2.55 7.08
C25 VIV E . 17.47 3.23 5.77
C26 VIV E . 18.14 4.60 6.04
C27 VIV E . 18.68 5.33 4.81
C28 VIV E . 19.23 6.70 5.24
C29 VIV E . 17.65 5.52 3.70
OP1 4PT F . 5.99 7.71 -15.13
P1 4PT F . 6.98 7.74 -14.02
OP3 4PT F . 7.28 9.25 -13.48
OP2 4PT F . 6.48 6.92 -12.70
O1 4PT F . 8.38 7.08 -14.47
C1 4PT F . 9.54 7.28 -13.68
C2 4PT F . 10.38 8.45 -14.26
O2 4PT F . 10.62 8.24 -15.65
C3 4PT F . 11.69 8.62 -13.50
O3 4PT F . 12.44 9.70 -14.08
C4 4PT F . 12.54 7.33 -13.46
O4 4PT F . 13.65 7.52 -12.58
P4 4PT F . 15.23 7.42 -12.99
OP5 4PT F . 16.08 8.34 -12.20
OP6 4PT F . 15.38 7.58 -14.58
OP4 4PT F . 15.62 5.85 -12.72
C5 4PT F . 11.69 6.14 -12.93
O5 4PT F . 12.43 4.91 -13.03
P5 4PT F . 12.50 3.98 -11.69
OP8 4PT F . 12.65 4.76 -10.44
OP7 4PT F . 13.71 2.91 -11.92
OP9 4PT F . 11.12 3.14 -11.69
C6 4PT F . 10.33 5.97 -13.64
O6 4PT F . 9.54 5.01 -12.94
OP1 4PT G . 22.20 19.29 -6.62
P1 4PT G . 22.02 19.18 -5.01
OP3 4PT G . 20.79 19.89 -4.55
OP2 4PT G . 21.93 17.59 -4.68
O1 4PT G . 23.36 19.78 -4.32
C1 4PT G . 24.52 18.99 -4.02
C2 4PT G . 24.55 18.65 -2.51
O2 4PT G . 24.29 19.84 -1.74
C3 4PT G . 25.88 18.01 -2.06
O3 4PT G . 25.88 17.94 -0.63
C4 4PT G . 27.14 18.75 -2.56
O4 4PT G . 28.32 17.97 -2.32
P4 4PT G . 29.12 17.92 -0.90
OP5 4PT G . 30.60 18.45 -1.23
OP6 4PT G . 28.46 19.05 0.05
OP4 4PT G . 29.12 16.56 -0.31
C5 4PT G . 27.08 19.03 -4.08
O5 4PT G . 28.22 19.81 -4.48
P5 4PT G . 29.17 19.37 -5.73
OP8 4PT G . 28.41 19.86 -7.07
OP7 4PT G . 30.48 20.32 -5.62
OP9 4PT G . 29.50 17.93 -5.74
C6 4PT G . 25.78 19.75 -4.49
O6 4PT G . 25.75 19.90 -5.90
O1 VIV H . -3.43 23.74 -9.67
O2 VIV H . -4.02 28.32 -6.64
C1 VIV H . -4.71 14.85 -7.68
C2 VIV H . -4.57 26.01 -6.99
C3 VIV H . -4.44 24.83 -7.74
C4 VIV H . -3.61 24.85 -8.88
C5 VIV H . -2.93 26.01 -9.27
C6 VIV H . -3.06 27.17 -8.52
C7 VIV H . -3.89 27.18 -7.38
C8 VIV H . -5.47 26.00 -5.72
C9 VIV H . -3.77 22.43 -9.16
C10 VIV H . -5.19 23.54 -7.33
C11 VIV H . -5.14 22.47 -8.45
C12 VIV H . -2.02 25.97 -10.53
C13 VIV H . -2.30 28.45 -8.95
C14 VIV H . -2.64 21.97 -8.23
C15 VIV H . -3.86 21.53 -10.43
C16 VIV H . -4.16 20.05 -10.12
C17 VIV H . -4.12 19.24 -11.43
C18 VIV H . -4.37 17.76 -11.17
C19 VIV H . -3.95 16.94 -12.41
C20 VIV H . -5.86 17.55 -10.76
C21 VIV H . -6.23 16.20 -10.77
C22 VIV H . -6.18 15.37 -9.64
C23 VIV H . -5.72 15.86 -8.25
C24 VIV H . -6.95 16.04 -7.35
C25 VIV H . -6.67 16.71 -5.98
C26 VIV H . -5.68 17.87 -6.02
C27 VIV H . -5.67 18.70 -4.72
C28 VIV H . -5.01 20.07 -4.97
C29 VIV H . -4.95 17.99 -3.59
P1 PBU I . 1.87 8.47 13.46
P4 PBU I . -2.84 15.07 12.99
P5 PBU I . -4.22 10.77 10.68
C3' PBU I . 0.82 6.80 11.80
C2' PBU I . 0.90 6.26 10.38
O2' PBU I . 2.29 5.87 10.16
C1' PBU I . 0.31 7.32 9.42
O1' PBU I . 0.98 7.30 8.13
C1 PBU I . 0.02 10.31 12.99
O1 PBU I . 0.44 9.20 13.77
C2 PBU I . 0.32 11.57 13.78
O2 PBU I . -0.36 11.49 15.03
C3 PBU I . -0.23 12.78 13.03
O3 PBU I . 0.17 13.96 13.72
C4 PBU I . -1.76 12.67 12.91
O4 PBU I . -2.25 13.80 12.21
C5 PBU I . -2.13 11.42 12.12
O5 PBU I . -3.56 11.30 12.05
C6 PBU I . -1.48 10.14 12.68
O6 PBU I . -1.59 9.08 11.73
C7 PBU I . 2.38 4.69 9.36
O7 PBU I . 1.32 3.83 9.79
C8 PBU I . 3.79 4.04 9.48
C9 PBU I . 3.79 2.60 8.97
C10 PBU I . 3.72 2.51 7.44
C11 PBU I . 0.34 6.70 7.09
O11 PBU I . -0.80 6.28 7.20
C12 PBU I . 1.10 6.62 5.75
C13 PBU I . 0.75 5.38 4.91
C14 PBU I . 1.83 5.13 3.84
O41 PBU I . -3.94 14.43 13.97
O42 PBU I . -3.59 15.84 11.82
O43 PBU I . -1.80 15.94 13.56
O51 PBU I . -5.80 10.73 10.98
O52 PBU I . -3.87 9.17 10.48
O53 PBU I . -3.84 11.56 9.48
OP1 PBU I . 1.74 7.86 11.98
OP2 PBU I . 3.07 9.58 13.33
OP3 PBU I . 2.08 7.40 14.44
OP1 4PT J . 4.84 28.82 5.91
P1 4PT J . 3.40 28.98 5.58
OP3 4PT J . 3.07 28.39 4.09
OP2 4PT J . 2.46 28.17 6.62
O1 4PT J . 2.91 30.53 5.65
C1 4PT J . 1.52 30.87 5.70
C2 4PT J . 0.95 30.81 4.26
O2 4PT J . 1.78 31.58 3.37
C3 4PT J . -0.51 31.28 4.19
O3 4PT J . -0.91 31.28 2.82
C4 4PT J . -0.67 32.67 4.86
O4 4PT J . -2.02 33.12 4.78
P4 4PT J . -2.58 33.80 3.41
OP5 4PT J . -3.07 35.29 3.83
OP6 4PT J . -1.29 34.02 2.42
OP4 4PT J . -3.64 32.98 2.78
C5 4PT J . -0.19 32.65 6.32
O5 4PT J . -0.35 33.97 6.89
P5 4PT J . -1.61 34.37 7.87
OP8 4PT J . -1.07 34.17 9.37
OP7 4PT J . -1.80 35.97 7.74
OP9 4PT J . -2.86 33.61 7.61
C6 4PT J . 1.28 32.24 6.39
O6 4PT J . 1.68 32.17 7.77
O1 VIV K . -4.78 -18.96 -17.63
O2 VIV K . -3.71 -24.01 -15.77
C1 VIV K . -1.25 -10.81 -15.14
C2 VIV K . -2.96 -21.78 -16.20
C3 VIV K . -3.20 -20.47 -16.66
C4 VIV K . -4.49 -20.20 -17.16
C5 VIV K . -5.49 -21.19 -17.24
C6 VIV K . -5.23 -22.47 -16.77
C7 VIV K . -3.97 -22.76 -16.24
C8 VIV K . -1.59 -22.15 -15.61
C9 VIV K . -4.08 -17.82 -17.06
C10 VIV K . -2.11 -19.40 -16.62
C11 VIV K . -2.58 -18.04 -17.21
C12 VIV K . -6.88 -20.85 -17.82
C13 VIV K . -6.32 -23.55 -16.80
C14 VIV K . -4.45 -17.58 -15.58
C15 VIV K . -4.54 -16.66 -17.97
C16 VIV K . -3.81 -15.34 -17.76
C17 VIV K . -4.50 -14.22 -18.57
C18 VIV K . -3.85 -12.87 -18.29
C19 VIV K . -4.64 -11.75 -19.03
C20 VIV K . -2.34 -12.95 -18.64
C21 VIV K . -1.69 -11.72 -18.70
C22 VIV K . -1.02 -11.13 -17.62
C23 VIV K . -0.83 -11.80 -16.24
C24 VIV K . 0.64 -12.27 -16.13
C25 VIV K . 0.95 -13.09 -14.87
C26 VIV K . -0.09 -14.19 -14.54
C27 VIV K . 0.38 -15.15 -13.43
C28 VIV K . -0.48 -16.42 -13.41
C29 VIV K . 0.37 -14.49 -12.04
P PO4 L . -3.71 -29.69 0.93
O1 PO4 L . -3.93 -31.18 0.71
O2 PO4 L . -2.26 -29.48 1.28
O3 PO4 L . -4.58 -29.23 2.08
O4 PO4 L . -4.09 -28.92 -0.31
P PO4 M . -2.06 -29.72 -3.04
O1 PO4 M . -3.08 -30.79 -2.73
O2 PO4 M . -0.81 -30.39 -3.55
O3 PO4 M . -2.62 -28.78 -4.07
O4 PO4 M . -1.75 -28.94 -1.76
P PO4 N . -21.45 -19.45 -1.86
O1 PO4 N . -22.04 -20.70 -1.25
O2 PO4 N . -20.30 -18.97 -1.01
O3 PO4 N . -20.95 -19.77 -3.25
O4 PO4 N . -22.51 -18.38 -1.93
O1 VIV O . -12.07 -14.66 16.55
O2 VIV O . -17.04 -16.29 14.75
C1 VIV O . -6.54 -6.85 14.33
C2 VIV O . -15.46 -14.51 15.12
C3 VIV O . -14.21 -14.06 15.57
C4 VIV O . -13.32 -15.01 16.07
C5 VIV O . -13.68 -16.36 16.15
C6 VIV O . -14.91 -16.79 15.69
C7 VIV O . -15.82 -15.87 15.19
C8 VIV O . -16.49 -13.52 14.55
C9 VIV O . -11.46 -13.43 16.09
C10 VIV O . -13.81 -12.57 15.50
C11 VIV O . -12.49 -12.29 16.23
C12 VIV O . -12.68 -17.38 16.73
C13 VIV O . -15.31 -18.29 15.76
C14 VIV O . -10.95 -13.59 14.64
C15 VIV O . -10.29 -13.14 17.05
C16 VIV O . -9.33 -12.03 16.58
C17 VIV O . -8.07 -12.01 17.42
C18 VIV O . -7.21 -10.74 17.27
C19 VIV O . -5.92 -10.92 18.09
C20 VIV O . -8.01 -9.46 17.66
C21 VIV O . -7.25 -8.28 17.78
C22 VIV O . -7.05 -7.33 16.75
C23 VIV O . -7.58 -7.44 15.30
C24 VIV O . -8.93 -6.73 15.19
C25 VIV O . -9.61 -6.91 13.82
C26 VIV O . -10.27 -8.28 13.67
C27 VIV O . -11.35 -8.30 12.58
C28 VIV O . -12.05 -9.68 12.53
C29 VIV O . -10.77 -7.93 11.21
P PO4 P . -22.49 -17.75 2.12
O1 PO4 P . -23.25 -19.05 2.16
O2 PO4 P . -22.58 -17.11 3.48
O3 PO4 P . -23.11 -16.84 1.08
O4 PO4 P . -21.04 -17.99 1.77
#